data_6ZAC
#
_entry.id   6ZAC
#
_cell.length_a   141.870
_cell.length_b   64.650
_cell.length_c   117.100
_cell.angle_alpha   90.000
_cell.angle_beta   103.150
_cell.angle_gamma   90.000
#
_symmetry.space_group_name_H-M   'C 1 2 1'
#
loop_
_entity.id
_entity.type
_entity.pdbx_description
1 polymer 'Phosphatidylinositol 4,5-bisphosphate 3-kinase catalytic subunit delta isoform'
2 non-polymer ~{N}-[5-[6-[(dimethylamino)methyl]-2,3-dihydro-1,4-benzoxazin-4-yl]-2-methoxy-pyridin-3-yl]methanesulfonamide
3 water water
#
_entity_poly.entity_id   1
_entity_poly.type   'polypeptide(L)'
_entity_poly.pdbx_seq_one_letter_code
;GGDRVKKLINSQISLLIGKGLHEFDSLRDPEVNDFRTKMRQFCEEAAAHRQQLGWVEWLQYSFPLQLEPSARGWRAGLLR
VSNRALLVNVKFEGSEESFTFQVSTKDMPLALMACALRKKATVFRQPLVEQPEEYALQVNGRHEYLYGNYPLCHFQYICS
CLHSGLTPHLTMVHSSSILAMRDEQSNPAPQVQKPRAKPPPIPAKKPSSVSLWSLEQPFSIELIEGRKVNADERMKLVVQ
AGLFHGNEMLCKTVSSSEVNVCSEPVWKQRLEFDISVCDLPRMARLCFALYAVVEKAKKARSTKKKSKKADCPIAWANLM
LFDYKDQLKTGERCLYMWPSVPDEKGELLNPAGTVRGNPNTESAAALVIYLPEVAPHPVYFPALEKILELGRHGERGRIT
EEEQLQLREILERRGSGELYEHEKDLVWKMRHEVQEHFPEALARLLLVTKWNKHEDVAQMLYLLCSWPELPVLSALELLD
FSFPDCYVGSFAIKSLRKLTDDELFQYLLQLVQVLKYESYLDCELTKFLLGRALANRKIGHFLFWHLRSEMHVPSVALRF
GLIMEAYCRGSTHHMKVLMKQGEALSKLKALNDFVKVSSQKTTKPQTKEMMHMCMRQETYMEALSHLQSPLDPSTLLEEV
CVEQCTFMDSKMKPLWIMYSSEEAGSAGNVGIIFKNGDDLRQDMLTLQMIQLMDVLWKQEGLDLRMTPYGCLPTGDRTGL
IEVVLHSDTIANIQLNKSNMAATAAFNKDALLNWLKSKNPGEALDRAIEEFTLSCAGYCVATYVLGIGDRHSDNIMIRES
GQLFHIDFGHFLGNFKTKFGINRERVPFILTYDFVHVIQQGKTNNSEKFERFRGYCERAYTILRRHGLLFLHLFALMRAA
GLPELSCSKDIQYLKDSLALGKTEEEALKHFRVKFNEALRESWKTKVNWLAHNVSKDNRQ
;
_entity_poly.pdbx_strand_id   A
#
# COMPACT_ATOMS: atom_id res chain seq x y z
N ASP A 3 -33.29 -6.31 -16.15
CA ASP A 3 -34.17 -6.44 -15.00
C ASP A 3 -33.68 -7.51 -14.01
N ARG A 4 -33.75 -8.81 -14.39
CA ARG A 4 -33.33 -9.93 -13.53
C ARG A 4 -31.82 -10.05 -13.38
N VAL A 5 -31.06 -9.55 -14.38
CA VAL A 5 -29.61 -9.60 -14.33
C VAL A 5 -29.09 -8.47 -13.44
N LYS A 6 -29.68 -7.27 -13.59
CA LYS A 6 -29.37 -6.06 -12.82
C LYS A 6 -29.58 -6.31 -11.32
N LYS A 7 -30.73 -6.92 -10.96
CA LYS A 7 -31.09 -7.24 -9.58
C LYS A 7 -30.13 -8.25 -9.00
N LEU A 8 -29.76 -9.28 -9.79
CA LEU A 8 -28.80 -10.31 -9.38
C LEU A 8 -27.42 -9.69 -9.19
N ILE A 9 -26.96 -8.85 -10.13
CA ILE A 9 -25.65 -8.19 -10.01
C ILE A 9 -25.62 -7.33 -8.74
N ASN A 10 -26.71 -6.54 -8.46
CA ASN A 10 -26.85 -5.68 -7.26
C ASN A 10 -26.69 -6.46 -5.97
N SER A 11 -27.33 -7.66 -5.89
CA SER A 11 -27.19 -8.53 -4.71
C SER A 11 -25.78 -9.13 -4.61
N GLN A 12 -25.13 -9.37 -5.75
CA GLN A 12 -23.75 -9.88 -5.80
C GLN A 12 -22.73 -8.83 -5.33
N ILE A 13 -22.93 -7.54 -5.71
CA ILE A 13 -22.07 -6.43 -5.25
C ILE A 13 -22.28 -6.26 -3.72
N SER A 14 -23.53 -6.27 -3.26
CA SER A 14 -23.87 -6.14 -1.83
C SER A 14 -23.13 -7.16 -0.99
N LEU A 15 -23.17 -8.43 -1.41
CA LEU A 15 -22.49 -9.53 -0.77
C LEU A 15 -20.99 -9.39 -0.81
N LEU A 16 -20.43 -9.05 -1.98
CA LEU A 16 -19.01 -8.86 -2.14
C LEU A 16 -18.42 -7.73 -1.27
N ILE A 17 -19.04 -6.53 -1.30
CA ILE A 17 -18.48 -5.37 -0.62
C ILE A 17 -18.80 -5.37 0.88
N GLY A 18 -19.69 -6.27 1.31
CA GLY A 18 -20.09 -6.39 2.71
C GLY A 18 -21.06 -5.31 3.16
N LYS A 19 -21.74 -4.64 2.21
CA LYS A 19 -22.72 -3.59 2.51
C LYS A 19 -23.81 -3.60 1.45
N GLY A 20 -25.06 -3.76 1.88
CA GLY A 20 -26.25 -3.77 1.02
C GLY A 20 -26.36 -2.45 0.28
N LEU A 21 -26.54 -2.49 -1.06
CA LEU A 21 -26.61 -1.28 -1.89
C LEU A 21 -27.81 -0.38 -1.56
N HIS A 22 -28.90 -0.96 -0.96
CA HIS A 22 -30.12 -0.25 -0.54
C HIS A 22 -29.78 0.80 0.53
N GLU A 23 -28.76 0.50 1.36
CA GLU A 23 -28.23 1.37 2.43
C GLU A 23 -27.68 2.68 1.86
N PHE A 24 -27.13 2.65 0.63
CA PHE A 24 -26.66 3.86 -0.04
C PHE A 24 -27.89 4.71 -0.40
N ASP A 25 -28.95 4.07 -0.96
CA ASP A 25 -30.22 4.70 -1.34
C ASP A 25 -30.96 5.34 -0.16
N SER A 26 -30.97 4.67 1.01
CA SER A 26 -31.63 5.14 2.24
C SER A 26 -31.08 6.46 2.80
N LEU A 27 -29.79 6.79 2.51
CA LEU A 27 -29.16 8.01 3.00
C LEU A 27 -29.75 9.29 2.41
N ARG A 28 -30.39 9.17 1.23
CA ARG A 28 -31.00 10.26 0.46
C ARG A 28 -30.01 11.43 0.37
N ASP A 29 -28.75 11.10 0.12
CA ASP A 29 -27.64 12.04 0.04
C ASP A 29 -27.33 12.36 -1.42
N PRO A 30 -27.58 13.62 -1.89
CA PRO A 30 -27.30 13.95 -3.30
C PRO A 30 -25.85 13.75 -3.73
N GLU A 31 -24.88 13.94 -2.79
CA GLU A 31 -23.45 13.73 -3.07
C GLU A 31 -23.19 12.25 -3.33
N VAL A 32 -23.86 11.37 -2.55
CA VAL A 32 -23.76 9.91 -2.73
C VAL A 32 -24.38 9.51 -4.09
N ASN A 33 -25.58 10.05 -4.40
CA ASN A 33 -26.30 9.78 -5.64
C ASN A 33 -25.54 10.19 -6.89
N ASP A 34 -24.92 11.38 -6.90
CA ASP A 34 -24.13 11.89 -8.03
C ASP A 34 -22.88 11.10 -8.20
N PHE A 35 -22.22 10.74 -7.07
CA PHE A 35 -21.02 9.91 -7.13
C PHE A 35 -21.36 8.61 -7.83
N ARG A 36 -22.42 7.92 -7.36
CA ARG A 36 -22.85 6.63 -7.90
C ARG A 36 -23.15 6.63 -9.38
N THR A 37 -23.87 7.66 -9.87
CA THR A 37 -24.27 7.82 -11.26
C THR A 37 -23.07 8.12 -12.20
N LYS A 38 -22.23 9.12 -11.83
CA LYS A 38 -21.06 9.54 -12.60
C LYS A 38 -19.97 8.47 -12.62
N MET A 39 -19.76 7.74 -11.50
CA MET A 39 -18.70 6.73 -11.49
C MET A 39 -19.14 5.45 -12.20
N ARG A 40 -20.45 5.10 -12.15
CA ARG A 40 -21.00 3.94 -12.86
C ARG A 40 -20.78 4.13 -14.38
N GLN A 41 -21.07 5.33 -14.88
CA GLN A 41 -20.92 5.76 -16.27
C GLN A 41 -19.45 5.68 -16.68
N PHE A 42 -18.56 6.24 -15.84
CA PHE A 42 -17.11 6.23 -16.09
C PHE A 42 -16.58 4.80 -16.21
N CYS A 43 -16.97 3.92 -15.26
CA CYS A 43 -16.53 2.52 -15.20
C CYS A 43 -17.11 1.63 -16.31
N GLU A 44 -18.38 1.85 -16.69
CA GLU A 44 -19.02 1.13 -17.81
C GLU A 44 -18.40 1.50 -19.17
N GLU A 45 -17.95 2.75 -19.31
CA GLU A 45 -17.24 3.24 -20.50
C GLU A 45 -15.88 2.51 -20.60
N ALA A 46 -15.21 2.33 -19.45
CA ALA A 46 -13.94 1.59 -19.37
C ALA A 46 -14.13 0.13 -19.78
N ALA A 47 -15.20 -0.52 -19.29
CA ALA A 47 -15.59 -1.89 -19.64
C ALA A 47 -15.81 -2.05 -21.15
N ALA A 48 -16.54 -1.11 -21.79
CA ALA A 48 -16.81 -1.17 -23.23
C ALA A 48 -15.52 -1.06 -24.06
N HIS A 49 -14.59 -0.19 -23.65
CA HIS A 49 -13.28 -0.02 -24.30
C HIS A 49 -12.46 -1.31 -24.23
N ARG A 50 -12.55 -1.98 -23.09
CA ARG A 50 -11.85 -3.21 -22.77
C ARG A 50 -12.33 -4.42 -23.59
N GLN A 51 -13.63 -4.52 -23.79
CA GLN A 51 -14.25 -5.64 -24.49
C GLN A 51 -13.89 -5.72 -25.95
N GLN A 52 -13.39 -4.62 -26.50
CA GLN A 52 -13.02 -4.53 -27.90
C GLN A 52 -11.52 -4.41 -28.10
N LEU A 53 -10.73 -4.55 -27.02
CA LEU A 53 -9.28 -4.48 -27.09
C LEU A 53 -8.78 -5.56 -28.03
N GLY A 54 -7.65 -5.29 -28.65
CA GLY A 54 -6.97 -6.30 -29.45
C GLY A 54 -6.53 -7.43 -28.54
N TRP A 55 -6.25 -8.63 -29.06
CA TRP A 55 -5.86 -9.76 -28.20
C TRP A 55 -4.54 -9.52 -27.38
N VAL A 56 -3.52 -8.84 -27.95
CA VAL A 56 -2.26 -8.56 -27.23
C VAL A 56 -2.54 -7.49 -26.13
N GLU A 57 -3.38 -6.49 -26.44
CA GLU A 57 -3.78 -5.45 -25.49
C GLU A 57 -4.58 -6.07 -24.39
N TRP A 58 -5.40 -7.07 -24.71
CA TRP A 58 -6.16 -7.74 -23.65
C TRP A 58 -5.27 -8.58 -22.70
N LEU A 59 -4.12 -9.09 -23.22
CA LEU A 59 -3.11 -9.80 -22.41
C LEU A 59 -2.46 -8.77 -21.49
N GLN A 60 -2.24 -7.53 -21.98
CA GLN A 60 -1.64 -6.45 -21.17
C GLN A 60 -2.60 -6.08 -20.04
N TYR A 61 -3.93 -6.12 -20.29
CA TYR A 61 -4.93 -5.85 -19.28
C TYR A 61 -4.98 -6.98 -18.23
N SER A 62 -5.15 -8.21 -18.69
CA SER A 62 -5.40 -9.35 -17.83
C SER A 62 -4.16 -9.98 -17.21
N PHE A 63 -3.05 -10.01 -17.96
CA PHE A 63 -1.81 -10.63 -17.50
C PHE A 63 -0.69 -9.63 -17.71
N PRO A 64 -0.68 -8.48 -16.99
CA PRO A 64 0.40 -7.50 -17.21
C PRO A 64 1.76 -8.16 -16.98
N LEU A 65 2.77 -7.83 -17.80
CA LEU A 65 4.10 -8.42 -17.72
C LEU A 65 4.82 -8.25 -16.38
N GLN A 66 5.42 -9.34 -15.91
CA GLN A 66 6.18 -9.36 -14.66
C GLN A 66 7.66 -9.39 -15.06
N LEU A 67 8.24 -8.20 -15.16
CA LEU A 67 9.63 -8.00 -15.60
C LEU A 67 10.58 -7.72 -14.46
N GLU A 68 11.87 -8.07 -14.65
CA GLU A 68 12.93 -7.82 -13.67
C GLU A 68 13.11 -6.30 -13.51
N PRO A 69 13.28 -5.76 -12.26
CA PRO A 69 13.41 -4.31 -12.07
C PRO A 69 14.46 -3.61 -12.92
N SER A 70 15.57 -4.30 -13.22
CA SER A 70 16.66 -3.76 -14.03
C SER A 70 16.29 -3.62 -15.51
N ALA A 71 15.32 -4.43 -15.98
CA ALA A 71 14.86 -4.43 -17.38
C ALA A 71 13.81 -3.37 -17.69
N ARG A 72 13.04 -2.95 -16.66
CA ARG A 72 11.94 -1.97 -16.79
C ARG A 72 12.38 -0.59 -17.33
N GLY A 73 11.87 -0.23 -18.51
CA GLY A 73 12.14 1.03 -19.18
C GLY A 73 13.57 1.18 -19.67
N ASN A 83 24.29 -15.38 -24.79
CA ASN A 83 24.95 -15.16 -23.51
C ASN A 83 25.05 -16.46 -22.67
N ARG A 84 23.93 -16.95 -22.11
CA ARG A 84 23.87 -18.15 -21.26
C ARG A 84 22.85 -19.16 -21.81
N ALA A 85 23.15 -20.45 -21.68
CA ALA A 85 22.27 -21.54 -22.15
C ALA A 85 21.07 -21.71 -21.23
N LEU A 86 19.93 -22.10 -21.82
CA LEU A 86 18.68 -22.31 -21.08
C LEU A 86 17.82 -23.40 -21.71
N LEU A 87 17.38 -24.33 -20.88
CA LEU A 87 16.49 -25.43 -21.24
C LEU A 87 15.05 -24.98 -20.96
N VAL A 88 14.15 -25.13 -21.95
CA VAL A 88 12.73 -24.74 -21.81
C VAL A 88 11.82 -25.90 -22.24
N ASN A 89 10.73 -26.16 -21.50
CA ASN A 89 9.74 -27.15 -21.87
C ASN A 89 8.54 -26.38 -22.39
N VAL A 90 8.16 -26.61 -23.66
CA VAL A 90 7.02 -25.94 -24.27
C VAL A 90 6.00 -26.96 -24.74
N LYS A 91 4.73 -26.72 -24.43
CA LYS A 91 3.63 -27.54 -24.92
C LYS A 91 2.59 -26.62 -25.59
N PHE A 92 1.63 -27.20 -26.31
CA PHE A 92 0.54 -26.45 -26.94
C PHE A 92 -0.71 -26.72 -26.11
N GLU A 93 -1.65 -25.75 -26.02
CA GLU A 93 -2.89 -25.85 -25.23
C GLU A 93 -3.68 -27.14 -25.48
N GLY A 94 -4.10 -27.80 -24.41
CA GLY A 94 -4.88 -29.04 -24.45
C GLY A 94 -4.17 -30.25 -25.03
N SER A 95 -2.82 -30.20 -25.09
CA SER A 95 -2.00 -31.29 -25.60
C SER A 95 -1.15 -31.81 -24.48
N GLU A 96 -1.11 -33.15 -24.34
CA GLU A 96 -0.32 -33.83 -23.31
C GLU A 96 1.16 -33.72 -23.68
N GLU A 97 1.48 -33.87 -24.98
CA GLU A 97 2.81 -33.81 -25.57
C GLU A 97 3.48 -32.44 -25.39
N SER A 98 4.78 -32.48 -25.08
CA SER A 98 5.61 -31.29 -24.89
C SER A 98 6.97 -31.46 -25.58
N PHE A 99 7.69 -30.34 -25.76
CA PHE A 99 9.00 -30.31 -26.39
C PHE A 99 9.99 -29.60 -25.47
N THR A 100 11.16 -30.23 -25.21
CA THR A 100 12.22 -29.61 -24.42
C THR A 100 13.34 -29.18 -25.38
N PHE A 101 13.75 -27.91 -25.34
CA PHE A 101 14.80 -27.40 -26.23
C PHE A 101 15.66 -26.32 -25.59
N GLN A 102 16.85 -26.10 -26.18
CA GLN A 102 17.84 -25.14 -25.71
C GLN A 102 17.69 -23.82 -26.39
N VAL A 103 17.67 -22.75 -25.60
CA VAL A 103 17.59 -21.35 -26.03
C VAL A 103 18.64 -20.55 -25.25
N SER A 104 18.87 -19.30 -25.67
CA SER A 104 19.75 -18.40 -24.94
C SER A 104 18.87 -17.51 -24.06
N THR A 105 19.41 -17.09 -22.92
CA THR A 105 18.74 -16.18 -21.98
C THR A 105 18.47 -14.83 -22.68
N LYS A 106 19.24 -14.53 -23.74
CA LYS A 106 19.11 -13.31 -24.54
C LYS A 106 18.05 -13.46 -25.64
N ASP A 107 17.53 -14.69 -25.86
CA ASP A 107 16.51 -14.96 -26.89
C ASP A 107 15.20 -14.33 -26.47
N MET A 108 14.40 -13.93 -27.44
CA MET A 108 13.12 -13.30 -27.18
C MET A 108 11.97 -14.30 -27.28
N PRO A 109 10.77 -14.08 -26.66
CA PRO A 109 9.69 -15.08 -26.74
C PRO A 109 9.36 -15.58 -28.15
N LEU A 110 9.35 -14.68 -29.16
CA LEU A 110 9.06 -15.00 -30.56
C LEU A 110 9.96 -16.09 -31.14
N ALA A 111 11.27 -16.06 -30.85
CA ALA A 111 12.26 -17.02 -31.32
C ALA A 111 11.98 -18.39 -30.68
N LEU A 112 11.58 -18.38 -29.42
CA LEU A 112 11.21 -19.57 -28.66
C LEU A 112 9.91 -20.14 -29.29
N MET A 113 8.97 -19.25 -29.65
CA MET A 113 7.69 -19.62 -30.25
C MET A 113 7.85 -20.23 -31.65
N ALA A 114 8.67 -19.60 -32.53
CA ALA A 114 8.96 -20.06 -33.89
C ALA A 114 9.58 -21.46 -33.85
N CYS A 115 10.46 -21.67 -32.88
CA CYS A 115 11.13 -22.93 -32.61
C CYS A 115 10.13 -24.03 -32.24
N ALA A 116 9.17 -23.73 -31.35
CA ALA A 116 8.10 -24.64 -30.93
C ALA A 116 7.16 -24.95 -32.11
N LEU A 117 6.91 -23.97 -33.01
CA LEU A 117 6.05 -24.15 -34.17
C LEU A 117 6.69 -25.03 -35.24
N ARG A 118 8.04 -24.96 -35.37
CA ARG A 118 8.77 -25.80 -36.34
C ARG A 118 8.69 -27.24 -35.85
N LYS A 119 8.80 -27.46 -34.53
CA LYS A 119 8.70 -28.78 -33.90
C LYS A 119 7.32 -29.40 -34.08
N LYS A 120 6.23 -28.61 -33.90
CA LYS A 120 4.83 -29.04 -34.06
C LYS A 120 4.57 -29.48 -35.52
N ALA A 121 5.08 -28.70 -36.50
CA ALA A 121 4.99 -28.96 -37.93
C ALA A 121 5.73 -30.24 -38.34
N THR A 122 6.89 -30.54 -37.70
CA THR A 122 7.65 -31.76 -38.03
C THR A 122 6.98 -33.00 -37.44
N VAL A 123 6.46 -32.89 -36.21
CA VAL A 123 5.77 -33.97 -35.50
C VAL A 123 4.41 -34.28 -36.16
N PHE A 124 3.60 -33.23 -36.44
CA PHE A 124 2.26 -33.37 -37.04
C PHE A 124 2.30 -33.53 -38.58
N ARG A 125 3.51 -33.56 -39.17
CA ARG A 125 3.81 -33.82 -40.59
C ARG A 125 3.19 -32.83 -41.60
N GLN A 126 2.86 -31.61 -41.16
CA GLN A 126 2.29 -30.62 -42.08
C GLN A 126 2.90 -29.23 -41.93
N PRO A 127 3.16 -28.50 -43.06
CA PRO A 127 3.68 -27.12 -42.93
C PRO A 127 2.57 -26.22 -42.40
N LEU A 128 2.68 -25.80 -41.12
CA LEU A 128 1.66 -25.02 -40.41
C LEU A 128 1.36 -23.64 -41.00
N VAL A 129 0.10 -23.20 -40.84
CA VAL A 129 -0.41 -21.90 -41.28
C VAL A 129 0.03 -20.85 -40.24
N GLU A 130 0.11 -21.29 -38.97
CA GLU A 130 0.45 -20.49 -37.81
C GLU A 130 1.86 -19.91 -37.80
N GLN A 131 1.90 -18.60 -37.53
CA GLN A 131 3.10 -17.76 -37.42
C GLN A 131 3.34 -17.53 -35.91
N PRO A 132 4.60 -17.36 -35.45
CA PRO A 132 4.82 -17.14 -34.00
C PRO A 132 4.10 -15.91 -33.42
N GLU A 133 3.80 -14.92 -34.28
CA GLU A 133 3.10 -13.67 -33.97
C GLU A 133 1.65 -13.85 -33.46
N GLU A 134 1.04 -15.01 -33.75
CA GLU A 134 -0.35 -15.37 -33.41
C GLU A 134 -0.49 -15.99 -32.03
N TYR A 135 0.64 -16.17 -31.30
CA TYR A 135 0.70 -16.83 -30.00
C TYR A 135 1.33 -16.01 -28.86
N ALA A 136 1.02 -16.42 -27.62
CA ALA A 136 1.65 -15.94 -26.40
C ALA A 136 2.02 -17.19 -25.55
N LEU A 137 3.00 -17.03 -24.69
CA LEU A 137 3.47 -18.10 -23.82
C LEU A 137 2.91 -18.03 -22.42
N GLN A 138 2.01 -18.95 -22.04
CA GLN A 138 1.52 -19.01 -20.67
C GLN A 138 2.50 -19.78 -19.76
N VAL A 139 2.67 -19.33 -18.50
CA VAL A 139 3.45 -20.07 -17.51
C VAL A 139 2.42 -21.14 -17.05
N ASN A 140 2.74 -22.45 -17.19
CA ASN A 140 1.81 -23.57 -16.89
C ASN A 140 1.12 -23.44 -15.54
N GLY A 141 -0.19 -23.54 -15.58
CA GLY A 141 -1.09 -23.46 -14.44
C GLY A 141 -1.04 -22.16 -13.66
N ARG A 142 -0.63 -21.05 -14.32
CA ARG A 142 -0.54 -19.71 -13.69
C ARG A 142 -1.19 -18.68 -14.61
N HIS A 143 -1.74 -17.61 -14.04
CA HIS A 143 -2.28 -16.49 -14.84
C HIS A 143 -1.13 -15.51 -15.07
N GLU A 144 -0.13 -15.99 -15.80
CA GLU A 144 1.10 -15.28 -16.12
C GLU A 144 1.51 -15.66 -17.53
N TYR A 145 1.93 -14.66 -18.32
CA TYR A 145 2.29 -14.87 -19.71
C TYR A 145 3.60 -14.20 -20.04
N LEU A 146 4.28 -14.73 -21.06
CA LEU A 146 5.52 -14.16 -21.57
C LEU A 146 5.24 -13.76 -22.97
N TYR A 147 5.45 -12.47 -23.27
CA TYR A 147 5.20 -11.86 -24.57
C TYR A 147 5.99 -10.54 -24.68
N GLY A 148 6.02 -10.00 -25.89
CA GLY A 148 6.72 -8.74 -26.17
C GLY A 148 8.20 -8.89 -26.50
N ASN A 149 8.79 -7.82 -27.01
CA ASN A 149 10.19 -7.76 -27.42
C ASN A 149 11.13 -7.56 -26.22
N TYR A 150 11.22 -8.60 -25.38
CA TYR A 150 12.06 -8.62 -24.20
C TYR A 150 12.86 -9.92 -24.19
N PRO A 151 14.18 -9.89 -23.90
CA PRO A 151 14.92 -11.17 -23.78
C PRO A 151 14.36 -11.95 -22.62
N LEU A 152 14.43 -13.30 -22.70
CA LEU A 152 13.88 -14.20 -21.70
C LEU A 152 14.36 -13.93 -20.27
N CYS A 153 15.65 -13.56 -20.08
CA CYS A 153 16.21 -13.27 -18.75
C CYS A 153 15.60 -12.01 -18.10
N HIS A 154 14.99 -11.10 -18.89
CA HIS A 154 14.31 -9.90 -18.39
C HIS A 154 12.96 -10.24 -17.71
N PHE A 155 12.41 -11.45 -17.94
CA PHE A 155 11.14 -11.86 -17.31
C PHE A 155 11.39 -12.41 -15.94
N GLN A 156 10.59 -11.96 -14.93
CA GLN A 156 10.71 -12.46 -13.54
C GLN A 156 10.67 -14.00 -13.44
N TYR A 157 9.77 -14.64 -14.20
CA TYR A 157 9.65 -16.09 -14.19
C TYR A 157 10.92 -16.80 -14.69
N ILE A 158 11.47 -16.38 -15.83
CA ILE A 158 12.69 -17.01 -16.36
C ILE A 158 13.85 -16.76 -15.40
N CYS A 159 13.98 -15.52 -14.90
CA CYS A 159 15.01 -15.11 -13.94
C CYS A 159 14.98 -15.98 -12.67
N SER A 160 13.78 -16.26 -12.17
CA SER A 160 13.49 -17.11 -11.02
C SER A 160 13.93 -18.57 -11.28
N CYS A 161 13.68 -19.10 -12.52
CA CYS A 161 14.04 -20.46 -12.89
C CYS A 161 15.57 -20.59 -12.91
N LEU A 162 16.24 -19.61 -13.55
CA LEU A 162 17.69 -19.52 -13.69
C LEU A 162 18.44 -19.57 -12.36
N HIS A 163 17.90 -18.90 -11.32
CA HIS A 163 18.53 -18.90 -10.01
C HIS A 163 18.25 -20.18 -9.22
N SER A 164 17.04 -20.76 -9.31
CA SER A 164 16.73 -21.99 -8.58
C SER A 164 17.08 -23.29 -9.36
N GLY A 165 17.66 -23.14 -10.56
CA GLY A 165 18.07 -24.23 -11.43
C GLY A 165 16.96 -24.95 -12.18
N LEU A 166 15.68 -24.68 -11.82
CA LEU A 166 14.47 -25.27 -12.42
C LEU A 166 14.29 -24.97 -13.90
N THR A 167 13.55 -25.84 -14.63
CA THR A 167 13.29 -25.71 -16.08
C THR A 167 11.96 -24.98 -16.34
N PRO A 168 11.95 -23.82 -17.05
CA PRO A 168 10.67 -23.16 -17.36
C PRO A 168 9.70 -24.04 -18.15
N HIS A 169 8.45 -24.13 -17.70
CA HIS A 169 7.38 -24.89 -18.36
C HIS A 169 6.36 -23.93 -18.92
N LEU A 170 6.31 -23.82 -20.27
CA LEU A 170 5.45 -22.88 -20.96
C LEU A 170 4.43 -23.52 -21.91
N THR A 171 3.33 -22.81 -22.14
CA THR A 171 2.25 -23.27 -23.02
C THR A 171 2.03 -22.25 -24.13
N MET A 172 2.07 -22.71 -25.37
CA MET A 172 1.80 -21.91 -26.55
C MET A 172 0.30 -21.73 -26.59
N VAL A 173 -0.15 -20.47 -26.44
CA VAL A 173 -1.58 -20.13 -26.44
C VAL A 173 -1.84 -19.26 -27.67
N HIS A 174 -2.78 -19.69 -28.53
CA HIS A 174 -3.15 -18.98 -29.76
C HIS A 174 -4.04 -17.78 -29.45
N SER A 175 -3.99 -16.75 -30.29
CA SER A 175 -4.77 -15.50 -30.17
C SER A 175 -6.27 -15.74 -30.04
N SER A 176 -6.80 -16.76 -30.72
CA SER A 176 -8.23 -17.15 -30.75
C SER A 176 -8.70 -17.61 -29.38
N SER A 177 -7.81 -18.27 -28.63
CA SER A 177 -8.04 -18.76 -27.29
C SER A 177 -8.07 -17.58 -26.29
N ILE A 178 -7.16 -16.58 -26.46
CA ILE A 178 -7.09 -15.34 -25.65
C ILE A 178 -8.36 -14.49 -25.93
N LEU A 179 -8.78 -14.44 -27.21
CA LEU A 179 -9.98 -13.70 -27.61
C LEU A 179 -11.20 -14.35 -27.01
N ALA A 180 -11.21 -15.69 -26.93
CA ALA A 180 -12.30 -16.45 -26.32
C ALA A 180 -12.38 -16.11 -24.81
N MET A 181 -11.23 -15.82 -24.15
CA MET A 181 -11.17 -15.40 -22.74
C MET A 181 -11.82 -14.01 -22.61
N ARG A 182 -11.45 -13.05 -23.49
CA ARG A 182 -11.96 -11.67 -23.50
C ARG A 182 -13.49 -11.66 -23.65
N ASP A 183 -14.00 -12.45 -24.61
CA ASP A 183 -15.42 -12.59 -24.91
C ASP A 183 -16.22 -13.22 -23.77
N GLU A 184 -15.68 -14.28 -23.14
CA GLU A 184 -16.25 -15.01 -22.00
C GLU A 184 -16.41 -14.10 -20.77
N GLN A 185 -15.54 -13.10 -20.66
CA GLN A 185 -15.48 -12.21 -19.50
C GLN A 185 -16.16 -10.86 -19.71
N SER A 186 -17.10 -10.76 -20.66
CA SER A 186 -17.82 -9.51 -20.93
C SER A 186 -18.86 -9.15 -19.87
N ASN A 187 -19.14 -7.84 -19.70
CA ASN A 187 -20.21 -7.35 -18.84
C ASN A 187 -21.51 -7.77 -19.55
N PRO A 188 -22.48 -8.43 -18.86
CA PRO A 188 -23.72 -8.84 -19.56
C PRO A 188 -24.50 -7.66 -20.12
N ALA A 189 -25.08 -7.84 -21.33
CA ALA A 189 -25.84 -6.79 -22.04
C ALA A 189 -27.21 -6.56 -21.40
N SER A 211 -21.38 37.15 -4.86
CA SER A 211 -19.94 36.94 -4.86
C SER A 211 -19.36 36.92 -3.45
N LEU A 212 -18.57 35.86 -3.16
CA LEU A 212 -17.90 35.57 -1.89
C LEU A 212 -16.87 36.66 -1.53
N TRP A 213 -16.09 37.14 -2.52
CA TRP A 213 -15.00 38.10 -2.33
C TRP A 213 -15.43 39.51 -1.89
N SER A 214 -16.75 39.77 -1.76
CA SER A 214 -17.32 41.03 -1.30
C SER A 214 -17.71 40.97 0.19
N LEU A 215 -17.87 39.73 0.74
CA LEU A 215 -18.26 39.50 2.12
C LEU A 215 -17.06 39.66 3.07
N GLU A 216 -16.92 40.87 3.66
CA GLU A 216 -15.79 41.20 4.54
C GLU A 216 -16.02 40.94 6.04
N GLN A 217 -17.28 40.69 6.45
CA GLN A 217 -17.64 40.44 7.85
C GLN A 217 -16.92 39.18 8.42
N PRO A 218 -16.58 39.13 9.74
CA PRO A 218 -15.86 37.95 10.27
C PRO A 218 -16.67 36.66 10.23
N PHE A 219 -16.00 35.52 10.07
CA PHE A 219 -16.71 34.24 10.05
C PHE A 219 -17.24 33.99 11.45
N SER A 220 -18.48 33.50 11.52
CA SER A 220 -19.19 33.21 12.77
C SER A 220 -20.16 32.07 12.56
N ILE A 221 -20.55 31.44 13.67
CA ILE A 221 -21.51 30.34 13.73
C ILE A 221 -22.25 30.49 15.05
N GLU A 222 -23.42 29.86 15.15
CA GLU A 222 -24.12 29.78 16.40
C GLU A 222 -23.94 28.33 16.85
N LEU A 223 -23.45 28.13 18.09
CA LEU A 223 -23.30 26.82 18.70
C LEU A 223 -24.61 26.67 19.49
N ILE A 224 -25.56 25.91 18.92
CA ILE A 224 -26.88 25.79 19.54
C ILE A 224 -26.84 24.86 20.76
N GLU A 225 -26.73 23.53 20.54
CA GLU A 225 -26.77 22.55 21.62
C GLU A 225 -25.95 21.27 21.39
N GLY A 226 -25.98 20.41 22.40
CA GLY A 226 -25.36 19.08 22.43
C GLY A 226 -26.42 18.06 22.80
N ARG A 227 -26.31 16.84 22.26
CA ARG A 227 -27.26 15.75 22.51
C ARG A 227 -26.46 14.47 22.80
N LYS A 228 -26.96 13.61 23.71
CA LYS A 228 -26.39 12.32 24.10
C LYS A 228 -24.93 12.43 24.63
N VAL A 229 -24.61 13.54 25.31
CA VAL A 229 -23.29 13.77 25.89
C VAL A 229 -23.14 12.97 27.20
N ASN A 230 -22.03 12.21 27.32
CA ASN A 230 -21.70 11.41 28.50
C ASN A 230 -20.39 11.87 29.13
N ALA A 231 -20.48 12.48 30.33
CA ALA A 231 -19.32 12.96 31.10
C ALA A 231 -19.66 13.00 32.58
N ASP A 232 -18.63 13.16 33.42
CA ASP A 232 -18.74 13.29 34.88
C ASP A 232 -19.50 14.58 35.23
N GLU A 233 -20.58 14.43 36.01
CA GLU A 233 -21.51 15.49 36.43
C GLU A 233 -20.87 16.57 37.30
N ARG A 234 -19.72 16.25 37.91
CA ARG A 234 -18.93 17.16 38.74
C ARG A 234 -18.23 18.24 37.88
N MET A 235 -17.98 17.92 36.59
CA MET A 235 -17.27 18.77 35.64
C MET A 235 -18.18 19.68 34.79
N LYS A 236 -17.55 20.54 33.94
CA LYS A 236 -18.24 21.43 33.00
C LYS A 236 -17.87 21.08 31.55
N LEU A 237 -18.75 21.39 30.59
CA LEU A 237 -18.54 21.11 29.16
C LEU A 237 -18.07 22.35 28.42
N VAL A 238 -17.15 22.15 27.44
CA VAL A 238 -16.58 23.20 26.58
C VAL A 238 -16.52 22.67 25.15
N VAL A 239 -16.78 23.55 24.17
CA VAL A 239 -16.65 23.26 22.75
C VAL A 239 -15.56 24.17 22.20
N GLN A 240 -14.44 23.58 21.78
CA GLN A 240 -13.32 24.30 21.16
C GLN A 240 -13.55 24.19 19.63
N ALA A 241 -13.45 25.32 18.93
CA ALA A 241 -13.65 25.37 17.48
C ALA A 241 -12.50 26.08 16.78
N GLY A 242 -12.11 25.53 15.65
CA GLY A 242 -11.02 26.05 14.83
C GLY A 242 -11.30 25.90 13.35
N LEU A 243 -10.73 26.83 12.56
CA LEU A 243 -10.83 26.84 11.11
C LEU A 243 -9.49 26.42 10.58
N PHE A 244 -9.49 25.38 9.73
CA PHE A 244 -8.27 24.82 9.17
C PHE A 244 -8.31 24.68 7.68
N HIS A 245 -7.12 24.75 7.10
CA HIS A 245 -6.83 24.46 5.71
C HIS A 245 -5.74 23.41 5.87
N GLY A 246 -6.17 22.16 5.86
CA GLY A 246 -5.29 21.03 6.14
C GLY A 246 -5.00 21.00 7.63
N ASN A 247 -3.71 20.99 8.00
CA ASN A 247 -3.30 20.98 9.39
C ASN A 247 -3.11 22.38 9.94
N GLU A 248 -2.93 23.37 9.05
CA GLU A 248 -2.72 24.77 9.42
C GLU A 248 -3.99 25.52 9.74
N MET A 249 -3.96 26.27 10.85
CA MET A 249 -5.07 27.11 11.31
C MET A 249 -5.21 28.31 10.37
N LEU A 250 -6.46 28.71 10.09
CA LEU A 250 -6.76 29.87 9.23
C LEU A 250 -6.87 31.16 10.06
N CYS A 251 -6.99 30.99 11.38
CA CYS A 251 -7.09 31.99 12.45
C CYS A 251 -6.98 31.24 13.79
N LYS A 252 -6.86 31.98 14.90
CA LYS A 252 -6.79 31.37 16.24
C LYS A 252 -8.07 30.59 16.60
N THR A 253 -7.93 29.59 17.49
CA THR A 253 -9.09 28.79 17.92
C THR A 253 -9.94 29.62 18.86
N VAL A 254 -11.24 29.32 18.89
CA VAL A 254 -12.20 29.98 19.76
C VAL A 254 -12.88 28.91 20.62
N SER A 255 -13.27 29.27 21.85
CA SER A 255 -13.92 28.32 22.75
C SER A 255 -15.26 28.86 23.20
N SER A 256 -16.18 27.95 23.55
CA SER A 256 -17.47 28.38 24.10
C SER A 256 -17.30 28.71 25.59
N SER A 257 -18.41 29.11 26.24
CA SER A 257 -18.41 29.34 27.68
C SER A 257 -18.57 27.96 28.37
N GLU A 258 -18.18 27.86 29.64
CA GLU A 258 -18.30 26.64 30.43
C GLU A 258 -19.77 26.52 30.84
N VAL A 259 -20.33 25.33 30.66
CA VAL A 259 -21.72 24.97 30.92
C VAL A 259 -21.73 23.65 31.72
N ASN A 260 -22.62 23.52 32.73
CA ASN A 260 -22.72 22.29 33.56
C ASN A 260 -22.92 21.05 32.73
N VAL A 261 -22.21 19.94 33.10
CA VAL A 261 -22.34 18.65 32.44
C VAL A 261 -23.77 18.15 32.58
N CYS A 262 -24.34 17.72 31.45
CA CYS A 262 -25.66 17.11 31.29
C CYS A 262 -25.76 16.47 29.89
N SER A 263 -26.72 15.53 29.71
CA SER A 263 -26.98 14.80 28.46
C SER A 263 -27.24 15.73 27.26
N GLU A 264 -28.03 16.80 27.47
CA GLU A 264 -28.38 17.76 26.43
C GLU A 264 -27.93 19.21 26.75
N PRO A 265 -26.61 19.54 26.67
CA PRO A 265 -26.19 20.93 26.97
C PRO A 265 -26.70 21.95 25.96
N VAL A 266 -27.08 23.14 26.44
CA VAL A 266 -27.60 24.21 25.60
C VAL A 266 -26.69 25.42 25.70
N TRP A 267 -26.10 25.85 24.57
CA TRP A 267 -25.25 27.05 24.54
C TRP A 267 -25.99 28.26 23.94
N LYS A 268 -26.53 28.08 22.70
CA LYS A 268 -27.20 29.11 21.88
C LYS A 268 -26.35 30.37 21.78
N GLN A 269 -25.03 30.19 21.50
CA GLN A 269 -24.10 31.33 21.46
C GLN A 269 -23.31 31.47 20.17
N ARG A 270 -23.01 32.73 19.81
CA ARG A 270 -22.24 33.12 18.63
C ARG A 270 -20.75 32.96 18.88
N LEU A 271 -20.09 32.18 18.01
CA LEU A 271 -18.65 31.99 18.07
C LEU A 271 -18.07 32.77 16.89
N GLU A 272 -17.33 33.86 17.17
CA GLU A 272 -16.76 34.66 16.08
C GLU A 272 -15.27 34.40 15.88
N PHE A 273 -14.90 34.15 14.63
CA PHE A 273 -13.52 33.84 14.19
C PHE A 273 -12.85 35.05 13.58
N ASP A 274 -11.52 35.16 13.78
CA ASP A 274 -10.71 36.26 13.28
C ASP A 274 -10.23 36.00 11.82
N ILE A 275 -11.21 35.99 10.90
CA ILE A 275 -11.04 35.80 9.45
C ILE A 275 -12.32 36.26 8.75
N SER A 276 -12.18 37.05 7.67
CA SER A 276 -13.32 37.50 6.89
C SER A 276 -13.90 36.34 6.08
N VAL A 277 -15.21 36.39 5.76
CA VAL A 277 -15.89 35.36 4.97
C VAL A 277 -15.24 35.23 3.58
N CYS A 278 -14.86 36.38 2.97
CA CYS A 278 -14.20 36.44 1.65
C CYS A 278 -12.88 35.69 1.59
N ASP A 279 -12.18 35.56 2.75
CA ASP A 279 -10.85 34.92 2.85
C ASP A 279 -10.85 33.41 3.14
N LEU A 280 -12.04 32.81 3.31
CA LEU A 280 -12.13 31.37 3.54
C LEU A 280 -11.66 30.64 2.25
N PRO A 281 -10.62 29.79 2.29
CA PRO A 281 -10.23 29.09 1.06
C PRO A 281 -11.26 27.99 0.76
N ARG A 282 -11.29 27.50 -0.48
CA ARG A 282 -12.23 26.48 -0.95
C ARG A 282 -12.28 25.22 -0.06
N MET A 283 -11.12 24.78 0.43
CA MET A 283 -10.98 23.57 1.25
C MET A 283 -10.94 23.83 2.75
N ALA A 284 -11.52 24.95 3.18
CA ALA A 284 -11.61 25.32 4.60
C ALA A 284 -12.51 24.33 5.34
N ARG A 285 -11.99 23.80 6.45
CA ARG A 285 -12.75 22.91 7.32
C ARG A 285 -12.93 23.51 8.72
N LEU A 286 -14.15 23.42 9.25
CA LEU A 286 -14.53 23.88 10.58
C LEU A 286 -14.48 22.65 11.47
N CYS A 287 -13.61 22.71 12.48
CA CYS A 287 -13.32 21.61 13.38
C CYS A 287 -13.74 21.86 14.80
N PHE A 288 -14.42 20.87 15.40
CA PHE A 288 -14.95 20.92 16.77
C PHE A 288 -14.37 19.85 17.67
N ALA A 289 -14.23 20.17 18.95
CA ALA A 289 -13.82 19.22 20.01
C ALA A 289 -14.59 19.55 21.29
N LEU A 290 -15.41 18.59 21.70
CA LEU A 290 -16.22 18.67 22.91
C LEU A 290 -15.44 18.00 24.02
N TYR A 291 -15.30 18.67 25.17
CA TYR A 291 -14.57 18.10 26.29
C TYR A 291 -15.10 18.54 27.64
N ALA A 292 -14.63 17.88 28.70
CA ALA A 292 -15.01 18.15 30.08
C ALA A 292 -13.81 18.72 30.84
N VAL A 293 -14.05 19.77 31.65
CA VAL A 293 -13.01 20.42 32.44
C VAL A 293 -13.35 20.41 33.94
N VAL A 294 -12.31 20.26 34.79
CA VAL A 294 -12.43 20.28 36.25
C VAL A 294 -12.65 21.75 36.71
N ASP A 311 -7.86 17.78 31.77
CA ASP A 311 -8.78 17.80 30.63
C ASP A 311 -9.25 16.41 30.23
N CYS A 312 -10.57 16.26 30.11
CA CYS A 312 -11.27 15.02 29.79
C CYS A 312 -11.85 15.09 28.36
N PRO A 313 -11.12 14.60 27.32
CA PRO A 313 -11.66 14.65 25.94
C PRO A 313 -12.85 13.70 25.76
N ILE A 314 -13.91 14.18 25.08
CA ILE A 314 -15.15 13.42 24.88
C ILE A 314 -15.40 13.09 23.40
N ALA A 315 -15.50 14.12 22.53
CA ALA A 315 -15.80 13.92 21.10
C ALA A 315 -15.26 15.02 20.20
N TRP A 316 -15.24 14.77 18.88
CA TRP A 316 -14.78 15.69 17.84
C TRP A 316 -15.64 15.52 16.59
N ALA A 317 -15.73 16.58 15.75
CA ALA A 317 -16.52 16.62 14.51
C ALA A 317 -15.98 17.70 13.61
N ASN A 318 -15.84 17.40 12.31
CA ASN A 318 -15.37 18.35 11.32
C ASN A 318 -16.34 18.43 10.16
N LEU A 319 -16.33 19.56 9.45
CA LEU A 319 -17.16 19.76 8.26
C LEU A 319 -16.51 20.76 7.30
N MET A 320 -16.69 20.53 6.01
CA MET A 320 -16.23 21.44 4.96
C MET A 320 -17.19 22.62 4.98
N LEU A 321 -16.67 23.86 4.87
CA LEU A 321 -17.50 25.07 4.88
C LEU A 321 -18.28 25.25 3.58
N PHE A 322 -17.72 24.73 2.46
CA PHE A 322 -18.34 24.69 1.13
C PHE A 322 -18.71 23.21 0.84
N ASP A 323 -19.80 22.97 0.11
CA ASP A 323 -20.23 21.61 -0.22
C ASP A 323 -19.55 21.15 -1.50
N TYR A 324 -19.93 19.94 -1.99
CA TYR A 324 -19.35 19.32 -3.18
C TYR A 324 -19.66 20.09 -4.47
N LYS A 325 -20.73 20.93 -4.44
CA LYS A 325 -21.16 21.75 -5.58
C LYS A 325 -20.64 23.20 -5.47
N ASP A 326 -19.66 23.43 -4.57
CA ASP A 326 -18.97 24.70 -4.29
C ASP A 326 -19.82 25.71 -3.51
N GLN A 327 -21.04 25.32 -3.08
CA GLN A 327 -21.90 26.26 -2.34
C GLN A 327 -21.46 26.45 -0.90
N LEU A 328 -21.45 27.73 -0.45
CA LEU A 328 -21.13 28.09 0.93
C LEU A 328 -22.31 27.61 1.79
N LYS A 329 -22.03 26.75 2.76
CA LYS A 329 -23.05 26.14 3.59
C LYS A 329 -23.77 27.10 4.51
N THR A 330 -25.10 27.04 4.52
CA THR A 330 -25.96 27.84 5.41
C THR A 330 -27.02 26.93 6.04
N GLY A 331 -27.59 27.40 7.13
CA GLY A 331 -28.61 26.65 7.85
C GLY A 331 -28.07 25.82 8.98
N GLU A 332 -28.96 25.04 9.60
CA GLU A 332 -28.64 24.17 10.73
C GLU A 332 -27.92 22.92 10.32
N ARG A 333 -26.96 22.52 11.15
CA ARG A 333 -26.22 21.28 10.95
C ARG A 333 -26.23 20.46 12.21
N CYS A 334 -26.57 19.18 12.07
CA CYS A 334 -26.48 18.29 13.20
C CYS A 334 -25.26 17.47 12.91
N LEU A 335 -24.26 17.60 13.79
CA LEU A 335 -22.99 16.92 13.63
C LEU A 335 -22.88 15.72 14.56
N TYR A 336 -23.00 14.50 14.00
CA TYR A 336 -22.89 13.28 14.80
C TYR A 336 -21.41 13.04 15.06
N MET A 337 -21.01 13.29 16.32
CA MET A 337 -19.61 13.31 16.75
C MET A 337 -18.95 11.95 16.86
N TRP A 338 -17.62 11.95 16.65
CA TRP A 338 -16.76 10.77 16.74
C TRP A 338 -16.13 10.77 18.13
N PRO A 339 -15.99 9.61 18.81
CA PRO A 339 -15.42 9.62 20.17
C PRO A 339 -13.93 9.92 20.18
N SER A 340 -13.47 10.73 21.16
CA SER A 340 -12.06 11.10 21.29
C SER A 340 -11.26 10.00 21.97
N VAL A 341 -10.11 9.63 21.38
CA VAL A 341 -9.23 8.56 21.86
C VAL A 341 -7.96 9.15 22.50
N LEU A 348 -6.61 18.15 20.98
CA LEU A 348 -8.08 18.04 21.11
C LEU A 348 -8.74 18.12 19.75
N LEU A 349 -8.48 19.22 18.98
CA LEU A 349 -9.02 19.39 17.63
C LEU A 349 -8.34 18.41 16.70
N ASN A 350 -9.10 17.82 15.78
CA ASN A 350 -8.59 16.79 14.88
C ASN A 350 -8.77 17.21 13.42
N PRO A 351 -8.00 18.18 12.88
CA PRO A 351 -8.20 18.59 11.48
C PRO A 351 -8.07 17.49 10.43
N ALA A 352 -7.19 16.49 10.63
CA ALA A 352 -7.05 15.40 9.64
C ALA A 352 -8.24 14.44 9.63
N GLY A 353 -9.03 14.45 10.71
CA GLY A 353 -10.22 13.61 10.84
C GLY A 353 -11.24 13.80 9.73
N THR A 354 -12.01 12.74 9.43
CA THR A 354 -13.08 12.75 8.42
C THR A 354 -14.07 13.93 8.59
N VAL A 355 -14.57 14.47 7.47
CA VAL A 355 -15.55 15.55 7.45
C VAL A 355 -16.99 15.04 7.31
N ARG A 356 -17.22 13.72 7.48
CA ARG A 356 -18.55 13.10 7.47
C ARG A 356 -18.90 12.68 8.89
N GLY A 357 -20.17 12.78 9.24
CA GLY A 357 -20.67 12.47 10.57
C GLY A 357 -20.60 11.00 10.92
N ASN A 358 -20.55 10.72 12.23
CA ASN A 358 -20.53 9.36 12.78
C ASN A 358 -21.87 8.69 12.35
N PRO A 359 -21.84 7.52 11.65
CA PRO A 359 -23.11 6.90 11.20
C PRO A 359 -23.96 6.31 12.32
N ASN A 360 -23.35 6.06 13.49
CA ASN A 360 -23.99 5.56 14.70
C ASN A 360 -24.74 6.70 15.39
N THR A 361 -25.83 7.18 14.77
CA THR A 361 -26.67 8.27 15.27
C THR A 361 -27.43 7.92 16.57
N GLU A 362 -27.57 6.61 16.88
CA GLU A 362 -28.28 6.13 18.08
C GLU A 362 -27.50 6.38 19.36
N SER A 363 -26.17 6.17 19.33
CA SER A 363 -25.32 6.29 20.52
C SER A 363 -24.38 7.52 20.53
N ALA A 364 -24.11 8.13 19.37
CA ALA A 364 -23.16 9.23 19.28
C ALA A 364 -23.67 10.55 19.83
N ALA A 365 -22.74 11.29 20.48
CA ALA A 365 -22.92 12.66 20.94
C ALA A 365 -23.16 13.48 19.68
N ALA A 366 -24.11 14.40 19.72
CA ALA A 366 -24.46 15.23 18.57
C ALA A 366 -24.29 16.70 18.96
N LEU A 367 -23.66 17.49 18.09
CA LEU A 367 -23.49 18.92 18.27
C LEU A 367 -24.39 19.55 17.21
N VAL A 368 -25.23 20.50 17.63
CA VAL A 368 -26.12 21.19 16.71
C VAL A 368 -25.56 22.60 16.56
N ILE A 369 -25.29 23.00 15.32
CA ILE A 369 -24.74 24.32 15.00
C ILE A 369 -25.65 25.05 13.99
N TYR A 370 -25.40 26.35 13.76
CA TYR A 370 -26.13 27.13 12.75
C TYR A 370 -25.16 27.99 11.93
N LEU A 371 -25.15 27.77 10.61
CA LEU A 371 -24.32 28.53 9.68
C LEU A 371 -25.19 29.68 9.14
N PRO A 372 -24.82 30.95 9.40
CA PRO A 372 -25.69 32.06 8.96
C PRO A 372 -25.76 32.30 7.46
N GLU A 373 -26.92 32.85 7.02
CA GLU A 373 -27.18 33.23 5.64
C GLU A 373 -26.47 34.55 5.46
N VAL A 374 -25.30 34.49 4.81
CA VAL A 374 -24.41 35.64 4.57
C VAL A 374 -24.86 36.51 3.37
N ALA A 375 -25.97 36.13 2.69
CA ALA A 375 -26.54 36.80 1.51
C ALA A 375 -27.95 36.26 1.25
N PRO A 376 -28.88 37.05 0.62
CA PRO A 376 -30.24 36.52 0.37
C PRO A 376 -30.30 35.52 -0.80
N HIS A 377 -29.15 35.30 -1.47
CA HIS A 377 -28.98 34.42 -2.62
C HIS A 377 -27.86 33.42 -2.33
N PRO A 378 -27.85 32.21 -2.94
CA PRO A 378 -26.74 31.28 -2.67
C PRO A 378 -25.41 31.82 -3.19
N VAL A 379 -24.32 31.53 -2.45
CA VAL A 379 -22.95 31.95 -2.75
C VAL A 379 -22.05 30.73 -2.97
N TYR A 380 -21.37 30.71 -4.11
CA TYR A 380 -20.49 29.65 -4.56
C TYR A 380 -19.06 30.12 -4.56
N PHE A 381 -18.11 29.20 -4.44
CA PHE A 381 -16.71 29.60 -4.51
C PHE A 381 -16.44 30.10 -5.96
N PRO A 382 -15.71 31.21 -6.17
CA PRO A 382 -15.47 31.70 -7.54
C PRO A 382 -14.90 30.65 -8.50
N ALA A 383 -15.35 30.66 -9.76
CA ALA A 383 -14.85 29.74 -10.78
C ALA A 383 -13.38 30.10 -11.08
N LEU A 384 -12.60 29.12 -11.59
CA LEU A 384 -11.18 29.26 -11.94
C LEU A 384 -10.85 30.50 -12.77
N GLU A 385 -11.72 30.86 -13.75
CA GLU A 385 -11.60 32.07 -14.59
C GLU A 385 -11.46 33.32 -13.71
N LYS A 386 -12.38 33.50 -12.71
CA LYS A 386 -12.36 34.63 -11.76
C LYS A 386 -11.08 34.64 -10.92
N ILE A 387 -10.64 33.45 -10.43
CA ILE A 387 -9.41 33.29 -9.63
C ILE A 387 -8.19 33.72 -10.46
N LEU A 388 -8.09 33.18 -11.69
CA LEU A 388 -6.99 33.47 -12.63
C LEU A 388 -6.95 34.92 -13.01
N GLU A 389 -8.14 35.58 -13.09
CA GLU A 389 -8.26 37.00 -13.38
C GLU A 389 -7.63 37.82 -12.24
N LEU A 390 -8.02 37.56 -10.97
CA LEU A 390 -7.47 38.27 -9.80
C LEU A 390 -5.95 37.99 -9.59
N GLY A 391 -5.53 36.74 -9.78
CA GLY A 391 -4.16 36.28 -9.57
C GLY A 391 -3.13 36.70 -10.61
N ARG A 392 -3.60 36.98 -11.84
CA ARG A 392 -2.83 37.42 -13.02
C ARG A 392 -2.08 38.74 -12.74
N HIS A 393 -2.61 39.57 -11.83
CA HIS A 393 -2.05 40.87 -11.49
C HIS A 393 -1.13 40.83 -10.27
N GLY A 394 0.00 41.51 -10.39
CA GLY A 394 1.03 41.59 -9.35
C GLY A 394 2.33 42.24 -9.80
N GLU A 395 3.38 42.07 -8.97
CA GLU A 395 4.74 42.59 -9.19
C GLU A 395 5.70 41.41 -9.13
N ARG A 396 6.76 41.47 -9.97
CA ARG A 396 7.78 40.42 -10.10
C ARG A 396 9.12 40.80 -9.48
N ARG A 398 12.75 43.68 -8.88
CA ARG A 398 13.44 42.39 -8.88
C ARG A 398 14.25 42.16 -7.58
N ILE A 399 15.41 41.46 -7.67
CA ILE A 399 16.26 41.15 -6.53
C ILE A 399 17.76 41.16 -6.93
N THR A 400 18.67 41.41 -5.97
CA THR A 400 20.12 41.46 -6.19
C THR A 400 20.72 40.07 -6.53
N GLU A 401 21.97 40.07 -7.04
CA GLU A 401 22.73 38.86 -7.38
C GLU A 401 23.02 38.05 -6.11
N GLU A 402 23.18 38.75 -4.96
CA GLU A 402 23.44 38.18 -3.64
C GLU A 402 22.21 37.50 -3.05
N GLU A 403 21.02 38.12 -3.23
CA GLU A 403 19.76 37.57 -2.70
C GLU A 403 19.24 36.42 -3.58
N GLN A 404 19.67 36.39 -4.87
CA GLN A 404 19.35 35.32 -5.82
C GLN A 404 20.13 34.08 -5.37
N LEU A 405 21.29 34.30 -4.71
CA LEU A 405 22.13 33.26 -4.13
C LEU A 405 21.49 32.77 -2.83
N GLN A 406 20.85 33.69 -2.07
CA GLN A 406 20.15 33.40 -0.82
C GLN A 406 18.92 32.53 -1.07
N LEU A 407 18.15 32.85 -2.13
CA LEU A 407 16.96 32.11 -2.56
C LEU A 407 17.35 30.70 -3.03
N ARG A 408 18.40 30.61 -3.90
CA ARG A 408 18.95 29.36 -4.43
C ARG A 408 19.38 28.45 -3.28
N GLU A 409 20.02 29.02 -2.25
CA GLU A 409 20.48 28.32 -1.05
C GLU A 409 19.32 27.63 -0.30
N ILE A 410 18.26 28.38 0.03
CA ILE A 410 17.11 27.88 0.78
C ILE A 410 16.19 26.96 -0.06
N LEU A 411 16.09 27.16 -1.39
CA LEU A 411 15.24 26.31 -2.25
C LEU A 411 15.88 24.95 -2.54
N GLU A 412 17.23 24.90 -2.59
CA GLU A 412 18.00 23.68 -2.82
C GLU A 412 18.22 22.91 -1.51
N ARG A 413 17.92 23.56 -0.36
CA ARG A 413 18.05 23.01 0.99
C ARG A 413 16.93 22.02 1.29
N GLY A 417 12.26 20.76 5.90
CA GLY A 417 13.07 21.93 5.64
C GLY A 417 12.41 23.24 6.08
N GLU A 418 12.15 23.38 7.39
CA GLU A 418 11.53 24.56 8.00
C GLU A 418 12.34 25.86 7.80
N LEU A 419 11.62 26.98 7.62
CA LEU A 419 12.19 28.31 7.36
C LEU A 419 11.94 29.29 8.50
N TYR A 420 12.74 30.38 8.54
CA TYR A 420 12.56 31.51 9.44
C TYR A 420 11.64 32.46 8.67
N GLU A 421 10.81 33.25 9.37
CA GLU A 421 9.83 34.17 8.77
C GLU A 421 10.38 35.03 7.64
N HIS A 422 11.62 35.58 7.77
CA HIS A 422 12.22 36.39 6.70
C HIS A 422 12.52 35.57 5.43
N GLU A 423 12.92 34.30 5.60
CA GLU A 423 13.21 33.40 4.48
C GLU A 423 11.91 33.09 3.71
N LYS A 424 10.76 32.97 4.43
CA LYS A 424 9.42 32.72 3.86
C LYS A 424 8.99 33.86 2.92
N ASP A 425 9.11 35.12 3.40
CA ASP A 425 8.77 36.36 2.69
C ASP A 425 9.52 36.49 1.36
N LEU A 426 10.81 36.05 1.32
CA LEU A 426 11.64 36.10 0.11
C LEU A 426 11.18 35.06 -0.91
N VAL A 427 10.85 33.83 -0.45
CA VAL A 427 10.32 32.77 -1.31
C VAL A 427 9.04 33.28 -1.99
N TRP A 428 8.14 33.90 -1.19
CA TRP A 428 6.89 34.49 -1.68
C TRP A 428 7.12 35.65 -2.66
N LYS A 429 8.03 36.60 -2.33
CA LYS A 429 8.36 37.71 -3.22
C LYS A 429 8.93 37.18 -4.53
N MET A 430 9.83 36.19 -4.44
CA MET A 430 10.46 35.59 -5.61
C MET A 430 9.72 34.35 -6.13
N ARG A 431 8.37 34.33 -6.02
CA ARG A 431 7.52 33.20 -6.44
C ARG A 431 7.59 32.93 -7.94
N HIS A 432 7.70 34.00 -8.77
CA HIS A 432 7.79 33.89 -10.23
C HIS A 432 9.10 33.20 -10.62
N GLU A 433 10.18 33.50 -9.88
CA GLU A 433 11.49 32.92 -10.13
C GLU A 433 11.54 31.46 -9.67
N VAL A 434 10.74 31.11 -8.61
CA VAL A 434 10.54 29.73 -8.11
C VAL A 434 9.93 28.96 -9.29
N GLN A 435 8.86 29.48 -9.92
CA GLN A 435 8.20 28.84 -11.05
C GLN A 435 9.13 28.61 -12.24
N GLU A 436 9.82 29.67 -12.71
CA GLU A 436 10.66 29.63 -13.91
C GLU A 436 12.01 28.92 -13.73
N HIS A 437 12.66 29.00 -12.55
CA HIS A 437 13.99 28.41 -12.37
C HIS A 437 14.12 27.28 -11.35
N PHE A 438 13.13 27.12 -10.45
CA PHE A 438 13.12 26.06 -9.44
C PHE A 438 11.71 25.40 -9.38
N PRO A 439 11.10 24.97 -10.52
CA PRO A 439 9.74 24.39 -10.46
C PRO A 439 9.53 23.22 -9.49
N GLU A 440 10.61 22.51 -9.14
CA GLU A 440 10.56 21.39 -8.20
C GLU A 440 10.44 21.86 -6.75
N ALA A 441 10.57 23.19 -6.51
CA ALA A 441 10.43 23.81 -5.19
C ALA A 441 8.98 24.34 -4.94
N LEU A 442 8.01 23.86 -5.77
CA LEU A 442 6.57 24.18 -5.68
C LEU A 442 6.01 23.98 -4.28
N ALA A 443 6.28 22.81 -3.68
CA ALA A 443 5.78 22.45 -2.36
C ALA A 443 6.22 23.47 -1.31
N ARG A 444 7.49 23.93 -1.38
CA ARG A 444 8.06 24.92 -0.46
C ARG A 444 7.29 26.23 -0.56
N LEU A 445 6.98 26.67 -1.80
CA LEU A 445 6.23 27.89 -2.09
C LEU A 445 4.79 27.77 -1.61
N LEU A 446 4.15 26.61 -1.85
CA LEU A 446 2.78 26.37 -1.37
C LEU A 446 2.69 26.49 0.15
N LEU A 447 3.76 26.06 0.87
CA LEU A 447 3.86 26.14 2.32
C LEU A 447 4.14 27.54 2.84
N VAL A 448 4.55 28.49 1.97
CA VAL A 448 4.77 29.87 2.40
C VAL A 448 3.55 30.74 2.02
N THR A 449 2.67 30.26 1.11
CA THR A 449 1.45 30.96 0.68
C THR A 449 0.53 31.19 1.88
N LYS A 450 -0.04 32.39 1.99
CA LYS A 450 -0.98 32.73 3.07
C LYS A 450 -2.36 32.27 2.60
N TRP A 451 -2.77 31.08 3.05
CA TRP A 451 -4.02 30.43 2.65
C TRP A 451 -5.25 31.09 3.26
N ASN A 452 -5.06 32.05 4.19
CA ASN A 452 -6.09 32.84 4.85
C ASN A 452 -6.32 34.21 4.20
N LYS A 453 -5.69 34.46 3.04
CA LYS A 453 -5.82 35.73 2.29
C LYS A 453 -6.16 35.34 0.87
N HIS A 454 -7.41 35.60 0.41
CA HIS A 454 -7.85 35.16 -0.92
C HIS A 454 -7.04 35.73 -2.10
N GLU A 455 -6.44 36.92 -1.93
CA GLU A 455 -5.63 37.55 -2.99
C GLU A 455 -4.31 36.79 -3.21
N ASP A 456 -3.64 36.35 -2.12
CA ASP A 456 -2.41 35.55 -2.19
C ASP A 456 -2.67 34.19 -2.81
N VAL A 457 -3.82 33.55 -2.44
CA VAL A 457 -4.26 32.24 -2.93
C VAL A 457 -4.47 32.32 -4.46
N ALA A 458 -5.10 33.41 -4.96
CA ALA A 458 -5.35 33.69 -6.37
C ALA A 458 -4.00 33.79 -7.12
N GLN A 459 -3.02 34.54 -6.54
CA GLN A 459 -1.67 34.71 -7.09
C GLN A 459 -0.93 33.38 -7.15
N MET A 460 -1.11 32.52 -6.12
CA MET A 460 -0.52 31.18 -6.07
C MET A 460 -1.16 30.29 -7.15
N LEU A 461 -2.51 30.25 -7.20
CA LEU A 461 -3.26 29.45 -8.18
C LEU A 461 -2.95 29.88 -9.62
N TYR A 462 -2.66 31.19 -9.84
CA TYR A 462 -2.27 31.69 -11.15
C TYR A 462 -0.95 31.06 -11.62
N LEU A 463 0.04 30.92 -10.73
CA LEU A 463 1.32 30.29 -11.05
C LEU A 463 1.18 28.79 -11.21
N LEU A 464 0.36 28.14 -10.35
CA LEU A 464 0.14 26.70 -10.36
C LEU A 464 -0.50 26.23 -11.66
N CYS A 465 -1.44 27.04 -12.20
CA CYS A 465 -2.18 26.70 -13.40
C CYS A 465 -1.32 26.74 -14.67
N SER A 466 -0.10 27.31 -14.59
CA SER A 466 0.84 27.28 -15.70
C SER A 466 2.16 26.58 -15.29
N TRP A 467 2.16 25.92 -14.11
CA TRP A 467 3.32 25.24 -13.54
C TRP A 467 3.71 24.01 -14.37
N PRO A 468 5.00 23.79 -14.71
CA PRO A 468 5.34 22.57 -15.46
C PRO A 468 5.05 21.29 -14.65
N GLU A 469 4.75 20.19 -15.36
CA GLU A 469 4.54 18.87 -14.77
C GLU A 469 5.81 18.54 -13.99
N LEU A 470 5.62 17.95 -12.81
CA LEU A 470 6.72 17.62 -11.91
C LEU A 470 7.05 16.13 -11.90
N PRO A 471 8.28 15.68 -11.51
CA PRO A 471 8.52 14.24 -11.43
C PRO A 471 7.60 13.57 -10.42
N VAL A 472 7.39 12.26 -10.57
CA VAL A 472 6.59 11.41 -9.70
C VAL A 472 6.95 11.65 -8.23
N LEU A 473 8.26 11.72 -7.90
CA LEU A 473 8.73 11.95 -6.52
C LEU A 473 8.13 13.22 -5.90
N SER A 474 8.17 14.33 -6.65
CA SER A 474 7.61 15.60 -6.23
C SER A 474 6.08 15.49 -6.04
N ALA A 475 5.37 14.82 -6.98
CA ALA A 475 3.91 14.64 -6.93
C ALA A 475 3.41 13.87 -5.70
N LEU A 476 4.17 12.88 -5.22
CA LEU A 476 3.84 12.08 -4.04
C LEU A 476 3.82 12.89 -2.76
N GLU A 477 4.74 13.85 -2.67
CA GLU A 477 4.84 14.78 -1.54
C GLU A 477 3.59 15.64 -1.54
N LEU A 478 3.13 16.07 -2.73
CA LEU A 478 1.97 16.94 -2.92
C LEU A 478 0.63 16.28 -2.58
N LEU A 479 0.61 14.95 -2.40
CA LEU A 479 -0.61 14.24 -2.02
C LEU A 479 -0.80 14.29 -0.51
N ASP A 480 0.21 14.74 0.22
CA ASP A 480 0.11 14.87 1.65
C ASP A 480 -0.99 15.87 2.04
N PHE A 481 -1.59 15.67 3.22
CA PHE A 481 -2.64 16.49 3.79
C PHE A 481 -2.15 17.93 4.06
N SER A 482 -0.81 18.13 4.07
CA SER A 482 -0.13 19.42 4.18
C SER A 482 -0.41 20.30 2.94
N PHE A 483 -0.93 19.70 1.84
CA PHE A 483 -1.28 20.41 0.59
C PHE A 483 -2.78 20.16 0.36
N PRO A 484 -3.67 20.73 1.20
CA PRO A 484 -5.09 20.39 1.11
C PRO A 484 -5.89 21.00 -0.04
N ASP A 485 -5.34 22.00 -0.76
CA ASP A 485 -6.08 22.64 -1.86
C ASP A 485 -6.40 21.66 -2.98
N CYS A 486 -7.65 21.76 -3.52
CA CYS A 486 -8.19 20.89 -4.58
C CYS A 486 -7.46 21.06 -5.92
N TYR A 487 -7.00 22.28 -6.24
CA TYR A 487 -6.27 22.54 -7.47
C TYR A 487 -4.87 21.94 -7.37
N VAL A 488 -4.28 21.98 -6.16
CA VAL A 488 -2.98 21.40 -5.86
C VAL A 488 -3.09 19.90 -6.01
N GLY A 489 -4.17 19.32 -5.48
CA GLY A 489 -4.47 17.89 -5.56
C GLY A 489 -4.63 17.41 -6.99
N SER A 490 -5.37 18.17 -7.81
CA SER A 490 -5.58 17.91 -9.23
C SER A 490 -4.23 17.95 -10.00
N PHE A 491 -3.35 18.91 -9.64
CA PHE A 491 -2.02 19.10 -10.23
C PHE A 491 -1.17 17.87 -9.95
N ALA A 492 -1.19 17.41 -8.68
CA ALA A 492 -0.43 16.26 -8.18
C ALA A 492 -0.85 15.03 -8.97
N ILE A 493 -2.19 14.82 -9.18
CA ILE A 493 -2.71 13.70 -9.96
C ILE A 493 -2.21 13.79 -11.41
N LYS A 494 -2.29 15.00 -12.02
CA LYS A 494 -1.82 15.24 -13.38
C LYS A 494 -0.35 14.81 -13.55
N SER A 495 0.55 15.10 -12.58
CA SER A 495 1.96 14.71 -12.66
C SER A 495 2.18 13.22 -12.35
N LEU A 496 1.18 12.57 -11.69
CA LEU A 496 1.23 11.14 -11.38
C LEU A 496 0.70 10.30 -12.53
N ARG A 497 0.06 10.92 -13.54
CA ARG A 497 -0.48 10.16 -14.68
C ARG A 497 0.58 9.37 -15.44
N LYS A 498 1.82 9.85 -15.43
CA LYS A 498 2.95 9.19 -16.06
C LYS A 498 3.48 7.98 -15.26
N LEU A 499 2.88 7.67 -14.07
CA LEU A 499 3.29 6.47 -13.30
C LEU A 499 3.09 5.23 -14.20
N THR A 500 4.08 4.33 -14.25
CA THR A 500 3.95 3.09 -15.01
C THR A 500 3.01 2.19 -14.14
N ASP A 501 2.44 1.13 -14.67
CA ASP A 501 1.62 0.22 -13.84
C ASP A 501 2.45 -0.40 -12.69
N ASP A 502 3.75 -0.67 -12.92
CA ASP A 502 4.68 -1.22 -11.93
C ASP A 502 4.91 -0.21 -10.80
N GLU A 503 5.12 1.08 -11.13
CA GLU A 503 5.28 2.15 -10.13
C GLU A 503 3.99 2.36 -9.39
N LEU A 504 2.87 2.38 -10.11
CA LEU A 504 1.53 2.52 -9.52
C LEU A 504 1.26 1.40 -8.51
N PHE A 505 1.57 0.15 -8.89
CA PHE A 505 1.42 -1.01 -8.01
C PHE A 505 2.28 -0.87 -6.72
N GLN A 506 3.53 -0.42 -6.89
CA GLN A 506 4.49 -0.15 -5.80
C GLN A 506 3.91 0.88 -4.77
N TYR A 507 3.18 1.89 -5.23
CA TYR A 507 2.66 2.92 -4.32
C TYR A 507 1.16 2.88 -4.08
N LEU A 508 0.49 1.84 -4.56
CA LEU A 508 -0.98 1.69 -4.46
C LEU A 508 -1.48 1.78 -3.01
N LEU A 509 -0.77 1.13 -2.09
CA LEU A 509 -1.16 1.14 -0.69
C LEU A 509 -1.26 2.61 -0.13
N GLN A 510 -0.28 3.45 -0.44
CA GLN A 510 -0.25 4.85 0.03
C GLN A 510 -1.35 5.68 -0.64
N LEU A 511 -1.58 5.48 -1.94
CA LEU A 511 -2.62 6.18 -2.70
C LEU A 511 -4.00 5.87 -2.18
N VAL A 512 -4.23 4.60 -1.76
CA VAL A 512 -5.50 4.20 -1.14
C VAL A 512 -5.64 4.92 0.20
N GLN A 513 -4.55 5.00 1.02
CA GLN A 513 -4.62 5.66 2.34
C GLN A 513 -4.98 7.14 2.21
N VAL A 514 -4.45 7.83 1.17
CA VAL A 514 -4.67 9.25 0.84
C VAL A 514 -6.18 9.55 0.65
N LEU A 515 -6.97 8.55 0.22
CA LEU A 515 -8.43 8.69 0.08
C LEU A 515 -9.08 9.11 1.40
N LYS A 516 -8.45 8.76 2.54
CA LYS A 516 -8.94 9.13 3.89
C LYS A 516 -8.78 10.61 4.22
N TYR A 517 -7.98 11.34 3.45
CA TYR A 517 -7.76 12.77 3.60
C TYR A 517 -8.72 13.56 2.71
N GLU A 518 -9.31 12.92 1.67
CA GLU A 518 -10.22 13.55 0.71
C GLU A 518 -11.43 14.16 1.41
N SER A 519 -11.83 15.36 0.97
CA SER A 519 -12.95 16.08 1.57
C SER A 519 -14.29 15.72 0.93
N TYR A 520 -14.26 15.28 -0.34
CA TYR A 520 -15.48 14.94 -1.08
C TYR A 520 -15.39 13.55 -1.70
N LEU A 521 -16.55 12.98 -2.02
CA LEU A 521 -16.63 11.64 -2.63
C LEU A 521 -16.09 11.60 -4.05
N ASP A 522 -16.64 12.44 -4.96
CA ASP A 522 -16.20 12.51 -6.35
C ASP A 522 -14.92 13.35 -6.40
N CYS A 523 -13.77 12.70 -6.61
CA CYS A 523 -12.48 13.38 -6.62
C CYS A 523 -11.56 12.79 -7.71
N GLU A 524 -10.54 13.56 -8.13
CA GLU A 524 -9.59 13.17 -9.19
C GLU A 524 -8.83 11.93 -8.81
N LEU A 525 -8.50 11.74 -7.51
CA LEU A 525 -7.77 10.57 -7.06
C LEU A 525 -8.58 9.28 -7.22
N THR A 526 -9.89 9.32 -6.90
CA THR A 526 -10.79 8.18 -7.04
C THR A 526 -10.94 7.83 -8.51
N LYS A 527 -11.15 8.85 -9.36
CA LYS A 527 -11.26 8.64 -10.81
C LYS A 527 -10.00 8.03 -11.39
N PHE A 528 -8.83 8.54 -10.96
CA PHE A 528 -7.53 8.04 -11.39
C PHE A 528 -7.34 6.56 -10.97
N LEU A 529 -7.53 6.27 -9.70
CA LEU A 529 -7.42 4.90 -9.18
C LEU A 529 -8.36 3.94 -9.90
N LEU A 530 -9.61 4.36 -10.17
CA LEU A 530 -10.62 3.54 -10.86
C LEU A 530 -10.25 3.29 -12.33
N GLY A 531 -9.84 4.32 -13.06
CA GLY A 531 -9.39 4.20 -14.45
C GLY A 531 -8.16 3.30 -14.60
N ARG A 532 -7.21 3.39 -13.66
CA ARG A 532 -6.01 2.55 -13.70
C ARG A 532 -6.32 1.08 -13.31
N ALA A 533 -7.25 0.88 -12.32
CA ALA A 533 -7.72 -0.43 -11.87
C ALA A 533 -8.47 -1.16 -13.00
N LEU A 534 -9.21 -0.41 -13.78
CA LEU A 534 -10.03 -0.97 -14.86
C LEU A 534 -9.22 -1.24 -16.10
N ALA A 535 -8.03 -0.62 -16.20
CA ALA A 535 -7.10 -0.81 -17.31
C ALA A 535 -6.06 -1.91 -17.01
N ASN A 536 -5.92 -2.32 -15.73
CA ASN A 536 -4.99 -3.38 -15.31
C ASN A 536 -5.65 -4.26 -14.24
N ARG A 537 -5.88 -5.57 -14.55
CA ARG A 537 -6.56 -6.50 -13.65
C ARG A 537 -5.88 -6.69 -12.26
N LYS A 538 -4.54 -6.67 -12.22
CA LYS A 538 -3.77 -6.80 -10.99
C LYS A 538 -3.94 -5.53 -10.10
N ILE A 539 -3.92 -4.33 -10.71
CA ILE A 539 -4.17 -3.07 -9.98
C ILE A 539 -5.61 -3.15 -9.41
N GLY A 540 -6.53 -3.58 -10.27
CA GLY A 540 -7.95 -3.75 -9.91
C GLY A 540 -8.15 -4.65 -8.72
N HIS A 541 -7.45 -5.80 -8.72
CA HIS A 541 -7.46 -6.82 -7.67
C HIS A 541 -7.02 -6.24 -6.31
N PHE A 542 -5.85 -5.58 -6.28
CA PHE A 542 -5.31 -5.01 -5.03
C PHE A 542 -6.08 -3.77 -4.58
N LEU A 543 -6.58 -2.94 -5.53
CA LEU A 543 -7.41 -1.80 -5.14
C LEU A 543 -8.63 -2.39 -4.39
N PHE A 544 -9.28 -3.43 -4.97
CA PHE A 544 -10.44 -4.03 -4.33
C PHE A 544 -10.15 -4.49 -2.89
N TRP A 545 -9.09 -5.31 -2.68
CA TRP A 545 -8.74 -5.85 -1.37
C TRP A 545 -8.33 -4.79 -0.35
N HIS A 546 -7.64 -3.73 -0.78
CA HIS A 546 -7.28 -2.65 0.16
C HIS A 546 -8.53 -1.90 0.66
N LEU A 547 -9.53 -1.74 -0.20
CA LEU A 547 -10.80 -1.09 0.19
C LEU A 547 -11.66 -2.03 1.03
N ARG A 548 -11.75 -3.31 0.60
CA ARG A 548 -12.58 -4.33 1.27
C ARG A 548 -12.10 -4.60 2.68
N SER A 549 -10.77 -4.63 2.89
CA SER A 549 -10.17 -4.90 4.21
C SER A 549 -10.53 -3.87 5.27
N GLU A 550 -11.11 -2.69 4.87
CA GLU A 550 -11.49 -1.62 5.79
C GLU A 550 -12.98 -1.32 5.83
N MET A 551 -13.83 -2.24 5.37
CA MET A 551 -15.29 -2.04 5.42
C MET A 551 -15.84 -2.05 6.84
N HIS A 552 -15.09 -2.60 7.81
CA HIS A 552 -15.49 -2.66 9.24
C HIS A 552 -15.20 -1.34 9.97
N VAL A 553 -14.49 -0.39 9.30
CA VAL A 553 -14.10 0.93 9.80
C VAL A 553 -15.23 1.92 9.38
N PRO A 554 -16.05 2.40 10.33
CA PRO A 554 -17.19 3.27 9.94
C PRO A 554 -16.83 4.58 9.25
N SER A 555 -15.66 5.14 9.53
CA SER A 555 -15.28 6.41 8.90
C SER A 555 -14.98 6.29 7.40
N VAL A 556 -14.68 5.07 6.89
CA VAL A 556 -14.38 4.88 5.46
C VAL A 556 -15.37 3.96 4.73
N ALA A 557 -16.25 3.24 5.45
CA ALA A 557 -17.15 2.25 4.86
C ALA A 557 -17.97 2.79 3.69
N LEU A 558 -18.54 4.00 3.83
CA LEU A 558 -19.31 4.60 2.75
C LEU A 558 -18.45 4.87 1.50
N ARG A 559 -17.37 5.65 1.67
CA ARG A 559 -16.44 5.96 0.58
C ARG A 559 -15.91 4.66 -0.10
N PHE A 560 -15.34 3.74 0.69
CA PHE A 560 -14.75 2.50 0.17
C PHE A 560 -15.78 1.61 -0.49
N GLY A 561 -16.96 1.47 0.12
CA GLY A 561 -18.07 0.71 -0.43
C GLY A 561 -18.53 1.25 -1.77
N LEU A 562 -18.58 2.59 -1.91
CA LEU A 562 -18.97 3.27 -3.17
C LEU A 562 -17.94 3.09 -4.30
N ILE A 563 -16.64 3.08 -3.97
CA ILE A 563 -15.57 2.84 -4.94
C ILE A 563 -15.63 1.40 -5.45
N MET A 564 -15.88 0.43 -4.55
CA MET A 564 -15.96 -0.98 -4.91
C MET A 564 -17.17 -1.26 -5.79
N GLU A 565 -18.32 -0.60 -5.51
CA GLU A 565 -19.52 -0.72 -6.33
C GLU A 565 -19.21 -0.25 -7.77
N ALA A 566 -18.65 0.96 -7.93
CA ALA A 566 -18.27 1.52 -9.23
C ALA A 566 -17.33 0.56 -9.96
N TYR A 567 -16.32 0.03 -9.26
CA TYR A 567 -15.38 -0.92 -9.84
C TYR A 567 -16.12 -2.15 -10.41
N CYS A 568 -17.06 -2.71 -9.62
CA CYS A 568 -17.86 -3.87 -9.99
C CYS A 568 -18.69 -3.62 -11.24
N ARG A 569 -19.18 -2.39 -11.41
CA ARG A 569 -19.94 -1.96 -12.60
C ARG A 569 -19.04 -1.99 -13.85
N GLY A 570 -17.74 -1.74 -13.64
CA GLY A 570 -16.70 -1.78 -14.65
C GLY A 570 -16.18 -3.17 -14.98
N SER A 571 -16.44 -4.19 -14.13
CA SER A 571 -16.03 -5.60 -14.38
C SER A 571 -16.85 -6.63 -13.60
N THR A 572 -17.97 -7.03 -14.19
CA THR A 572 -18.87 -8.05 -13.67
C THR A 572 -18.14 -9.39 -13.52
N HIS A 573 -17.28 -9.71 -14.49
CA HIS A 573 -16.53 -10.97 -14.42
C HIS A 573 -15.58 -10.98 -13.22
N HIS A 574 -14.76 -9.91 -13.06
CA HIS A 574 -13.83 -9.80 -11.94
C HIS A 574 -14.57 -9.83 -10.58
N MET A 575 -15.76 -9.23 -10.51
CA MET A 575 -16.65 -9.27 -9.35
C MET A 575 -16.89 -10.72 -8.90
N LYS A 576 -17.23 -11.62 -9.84
CA LYS A 576 -17.48 -13.04 -9.59
C LYS A 576 -16.18 -13.78 -9.14
N VAL A 577 -15.03 -13.40 -9.74
CA VAL A 577 -13.71 -13.94 -9.41
C VAL A 577 -13.39 -13.55 -7.97
N LEU A 578 -13.67 -12.29 -7.58
CA LEU A 578 -13.44 -11.84 -6.19
C LEU A 578 -14.44 -12.45 -5.21
N MET A 579 -15.68 -12.77 -5.66
CA MET A 579 -16.70 -13.43 -4.84
C MET A 579 -16.24 -14.82 -4.48
N LYS A 580 -15.62 -15.49 -5.44
CA LYS A 580 -15.07 -16.82 -5.22
C LYS A 580 -13.99 -16.73 -4.13
N GLN A 581 -13.13 -15.68 -4.17
CA GLN A 581 -12.11 -15.48 -3.12
C GLN A 581 -12.76 -15.22 -1.75
N GLY A 582 -13.79 -14.38 -1.71
CA GLY A 582 -14.54 -14.08 -0.48
C GLY A 582 -15.20 -15.30 0.15
N GLU A 583 -15.67 -16.25 -0.69
CA GLU A 583 -16.28 -17.51 -0.24
C GLU A 583 -15.26 -18.40 0.43
N ALA A 584 -14.02 -18.43 -0.08
CA ALA A 584 -12.95 -19.22 0.53
C ALA A 584 -12.58 -18.58 1.91
N LEU A 585 -12.51 -17.25 1.96
CA LEU A 585 -12.18 -16.49 3.19
C LEU A 585 -13.25 -16.62 4.26
N SER A 586 -14.50 -16.73 3.83
CA SER A 586 -15.64 -16.99 4.73
C SER A 586 -15.51 -18.35 5.35
N LYS A 587 -15.19 -19.37 4.55
CA LYS A 587 -14.98 -20.73 5.05
C LYS A 587 -13.78 -20.87 6.01
N LEU A 588 -12.66 -20.19 5.70
CA LEU A 588 -11.44 -20.19 6.51
C LEU A 588 -11.69 -19.57 7.89
N LYS A 589 -12.50 -18.49 7.96
CA LYS A 589 -12.90 -17.84 9.22
C LYS A 589 -13.72 -18.84 10.06
N ALA A 590 -14.71 -19.52 9.43
CA ALA A 590 -15.54 -20.53 10.13
C ALA A 590 -14.65 -21.70 10.57
N LEU A 591 -13.68 -22.13 9.71
CA LEU A 591 -12.73 -23.21 10.04
C LEU A 591 -11.80 -22.79 11.20
N ASN A 592 -11.31 -21.55 11.18
CA ASN A 592 -10.42 -21.04 12.23
C ASN A 592 -11.13 -20.93 13.58
N ASP A 593 -12.40 -20.51 13.58
CA ASP A 593 -13.22 -20.48 14.82
C ASP A 593 -13.34 -21.86 15.42
N PHE A 594 -13.50 -22.90 14.58
CA PHE A 594 -13.58 -24.28 15.04
C PHE A 594 -12.28 -24.69 15.74
N VAL A 595 -11.14 -24.37 15.12
CA VAL A 595 -9.83 -24.72 15.61
C VAL A 595 -9.52 -24.02 16.96
N LYS A 596 -9.87 -22.73 17.08
CA LYS A 596 -9.70 -21.93 18.32
C LYS A 596 -10.43 -22.60 19.52
N VAL A 597 -11.72 -22.96 19.33
CA VAL A 597 -12.55 -23.65 20.32
C VAL A 597 -11.99 -25.06 20.69
N SER A 598 -11.76 -25.91 19.68
CA SER A 598 -11.31 -27.29 19.82
C SER A 598 -9.92 -27.47 20.46
N SER A 599 -8.99 -26.55 20.19
CA SER A 599 -7.62 -26.63 20.72
C SER A 599 -7.53 -26.45 22.23
N GLN A 600 -8.59 -25.92 22.84
CA GLN A 600 -8.69 -25.72 24.29
C GLN A 600 -9.30 -26.95 25.00
N LYS A 601 -10.07 -27.76 24.25
CA LYS A 601 -10.78 -28.93 24.75
C LYS A 601 -10.04 -30.25 24.54
N THR A 602 -9.12 -30.31 23.54
CA THR A 602 -8.41 -31.56 23.24
C THR A 602 -6.96 -31.31 22.80
N THR A 603 -6.22 -32.40 22.49
CA THR A 603 -4.83 -32.35 22.05
C THR A 603 -4.71 -31.83 20.61
N LYS A 604 -3.49 -31.46 20.21
CA LYS A 604 -3.20 -30.96 18.86
C LYS A 604 -3.54 -32.00 17.79
N PRO A 605 -3.13 -33.29 17.91
CA PRO A 605 -3.47 -34.28 16.86
C PRO A 605 -4.97 -34.44 16.63
N GLN A 606 -5.77 -34.25 17.69
CA GLN A 606 -7.23 -34.35 17.65
C GLN A 606 -7.88 -33.16 16.96
N THR A 607 -7.48 -31.92 17.31
CA THR A 607 -8.01 -30.70 16.67
C THR A 607 -7.67 -30.71 15.17
N LYS A 608 -6.47 -31.19 14.82
CA LYS A 608 -5.96 -31.30 13.45
C LYS A 608 -6.82 -32.27 12.63
N GLU A 609 -7.12 -33.44 13.21
CA GLU A 609 -7.97 -34.45 12.58
C GLU A 609 -9.37 -33.92 12.38
N MET A 610 -9.87 -33.16 13.36
CA MET A 610 -11.18 -32.50 13.32
C MET A 610 -11.20 -31.38 12.26
N MET A 611 -10.10 -30.59 12.13
CA MET A 611 -10.01 -29.55 11.11
C MET A 611 -10.11 -30.21 9.71
N HIS A 612 -9.41 -31.35 9.52
CA HIS A 612 -9.39 -32.15 8.29
C HIS A 612 -10.77 -32.69 7.92
N MET A 613 -11.48 -33.24 8.92
CA MET A 613 -12.86 -33.73 8.76
C MET A 613 -13.75 -32.57 8.33
N CYS A 614 -13.61 -31.41 8.98
CA CYS A 614 -14.37 -30.23 8.59
C CYS A 614 -14.07 -29.79 7.14
N MET A 615 -12.77 -29.82 6.72
CA MET A 615 -12.34 -29.42 5.38
C MET A 615 -12.84 -30.34 4.30
N ARG A 616 -13.01 -31.64 4.66
CA ARG A 616 -13.41 -32.69 3.73
C ARG A 616 -14.91 -32.64 3.39
N GLN A 617 -15.67 -31.76 4.05
CA GLN A 617 -17.08 -31.58 3.75
C GLN A 617 -17.16 -30.91 2.38
N GLU A 618 -18.14 -31.33 1.56
CA GLU A 618 -18.36 -30.84 0.19
C GLU A 618 -18.42 -29.33 0.09
N THR A 619 -19.11 -28.67 1.01
CA THR A 619 -19.19 -27.20 1.05
C THR A 619 -17.82 -26.56 1.24
N TYR A 620 -16.93 -27.17 2.05
CA TYR A 620 -15.57 -26.65 2.25
C TYR A 620 -14.67 -26.97 1.07
N MET A 621 -14.71 -28.22 0.55
CA MET A 621 -13.91 -28.62 -0.61
C MET A 621 -14.25 -27.72 -1.81
N GLU A 622 -15.53 -27.38 -1.99
CA GLU A 622 -15.95 -26.49 -3.09
C GLU A 622 -15.45 -25.06 -2.93
N ALA A 623 -15.74 -24.46 -1.79
CA ALA A 623 -15.38 -23.08 -1.48
C ALA A 623 -13.89 -22.83 -1.43
N LEU A 624 -13.12 -23.78 -0.87
CA LEU A 624 -11.66 -23.63 -0.74
C LEU A 624 -10.82 -23.94 -1.99
N SER A 625 -11.38 -24.55 -3.02
CA SER A 625 -10.59 -24.92 -4.19
C SER A 625 -10.90 -24.06 -5.42
N HIS A 626 -9.94 -23.98 -6.35
CA HIS A 626 -10.09 -23.31 -7.66
C HIS A 626 -10.38 -21.83 -7.55
N LEU A 627 -9.47 -21.15 -6.93
CA LEU A 627 -9.58 -19.69 -6.84
C LEU A 627 -8.21 -19.04 -7.17
N GLN A 628 -8.23 -17.75 -7.52
CA GLN A 628 -7.00 -16.98 -7.69
C GLN A 628 -6.65 -16.61 -6.27
N SER A 629 -5.37 -16.61 -5.97
CA SER A 629 -4.96 -16.25 -4.63
C SER A 629 -5.19 -14.77 -4.31
N PRO A 630 -5.84 -14.39 -3.18
CA PRO A 630 -5.90 -12.95 -2.83
C PRO A 630 -4.49 -12.32 -2.70
N LEU A 631 -3.46 -13.12 -2.34
CA LEU A 631 -2.11 -12.58 -2.24
C LEU A 631 -1.47 -12.25 -3.59
N ASP A 632 -1.92 -12.93 -4.67
CA ASP A 632 -1.30 -12.78 -5.98
C ASP A 632 -2.25 -13.38 -6.99
N PRO A 633 -2.97 -12.56 -7.80
CA PRO A 633 -3.92 -13.14 -8.77
C PRO A 633 -3.29 -14.01 -9.87
N SER A 634 -1.97 -13.96 -10.03
CA SER A 634 -1.23 -14.82 -10.96
C SER A 634 -1.16 -16.25 -10.43
N THR A 635 -1.18 -16.39 -9.10
CA THR A 635 -1.11 -17.70 -8.45
C THR A 635 -2.51 -18.31 -8.40
N LEU A 636 -2.65 -19.53 -8.90
CA LEU A 636 -3.91 -20.27 -8.88
C LEU A 636 -3.87 -21.29 -7.73
N LEU A 637 -4.86 -21.25 -6.84
CA LEU A 637 -4.97 -22.15 -5.68
C LEU A 637 -5.91 -23.21 -6.15
N GLU A 638 -5.37 -24.34 -6.62
CA GLU A 638 -6.22 -25.30 -7.25
C GLU A 638 -6.82 -26.33 -6.32
N GLU A 639 -6.10 -27.43 -6.05
CA GLU A 639 -6.60 -28.48 -5.19
C GLU A 639 -6.10 -28.27 -3.78
N VAL A 640 -7.01 -28.18 -2.82
CA VAL A 640 -6.63 -28.04 -1.40
C VAL A 640 -6.11 -29.41 -0.94
N CYS A 641 -4.90 -29.45 -0.36
CA CYS A 641 -4.27 -30.67 0.11
C CYS A 641 -4.52 -30.81 1.59
N VAL A 642 -5.72 -31.30 1.94
CA VAL A 642 -6.22 -31.43 3.31
C VAL A 642 -5.19 -32.06 4.27
N GLU A 643 -4.58 -33.19 3.88
CA GLU A 643 -3.61 -33.89 4.71
C GLU A 643 -2.44 -33.04 5.16
N GLN A 644 -2.05 -32.07 4.30
N GLN A 644 -2.07 -32.05 4.33
CA GLN A 644 -0.95 -31.15 4.56
CA GLN A 644 -0.95 -31.17 4.61
C GLN A 644 -1.39 -29.93 5.39
C GLN A 644 -1.40 -29.86 5.27
N CYS A 645 -2.71 -29.72 5.58
CA CYS A 645 -3.22 -28.54 6.29
C CYS A 645 -3.09 -28.71 7.79
N THR A 646 -2.83 -27.62 8.51
CA THR A 646 -2.65 -27.64 9.95
C THR A 646 -2.89 -26.24 10.49
N PHE A 647 -2.45 -26.00 11.72
CA PHE A 647 -2.58 -24.71 12.37
C PHE A 647 -1.40 -24.54 13.29
N MET A 648 -1.09 -23.26 13.63
CA MET A 648 0.02 -22.90 14.53
C MET A 648 -0.47 -22.77 15.98
N ASP A 649 0.44 -23.01 16.95
CA ASP A 649 0.18 -23.05 18.40
C ASP A 649 -0.01 -21.71 19.11
N SER A 650 0.08 -20.58 18.39
CA SER A 650 -0.14 -19.26 18.98
C SER A 650 -1.61 -19.02 19.37
N LYS A 651 -1.84 -18.01 20.22
CA LYS A 651 -3.13 -17.58 20.76
C LYS A 651 -4.29 -17.59 19.71
N MET A 652 -4.02 -17.12 18.49
CA MET A 652 -5.03 -17.01 17.41
C MET A 652 -5.16 -18.24 16.53
N LYS A 653 -4.36 -19.29 16.81
CA LYS A 653 -4.30 -20.55 16.07
C LYS A 653 -4.40 -20.32 14.53
N PRO A 654 -3.44 -19.57 13.91
CA PRO A 654 -3.55 -19.31 12.46
C PRO A 654 -3.47 -20.60 11.67
N LEU A 655 -4.21 -20.68 10.57
CA LEU A 655 -4.24 -21.90 9.74
C LEU A 655 -3.14 -21.93 8.66
N TRP A 656 -2.58 -23.10 8.39
CA TRP A 656 -1.55 -23.33 7.39
C TRP A 656 -2.26 -24.15 6.31
N ILE A 657 -2.58 -23.55 5.16
CA ILE A 657 -3.37 -24.19 4.09
C ILE A 657 -2.49 -24.47 2.89
N MET A 658 -2.42 -25.76 2.46
CA MET A 658 -1.62 -26.17 1.32
C MET A 658 -2.46 -26.49 0.09
N TYR A 659 -1.92 -26.17 -1.09
CA TYR A 659 -2.56 -26.39 -2.39
C TYR A 659 -1.61 -27.09 -3.33
N SER A 660 -2.15 -27.71 -4.37
CA SER A 660 -1.41 -28.33 -5.44
C SER A 660 -2.16 -28.19 -6.74
N SER A 661 -1.43 -28.17 -7.87
CA SER A 661 -1.99 -28.08 -9.21
C SER A 661 -1.17 -28.95 -10.15
N GLU A 662 -1.77 -30.04 -10.65
CA GLU A 662 -1.14 -30.95 -11.63
C GLU A 662 -0.64 -30.14 -12.85
N GLU A 663 -1.49 -29.22 -13.37
CA GLU A 663 -1.17 -28.31 -14.48
C GLU A 663 0.06 -27.42 -14.25
N ALA A 664 0.24 -26.95 -13.02
CA ALA A 664 1.39 -26.09 -12.72
C ALA A 664 2.60 -26.90 -12.27
N GLY A 665 2.40 -28.18 -11.95
CA GLY A 665 3.44 -29.07 -11.43
C GLY A 665 3.96 -28.54 -10.11
N SER A 666 5.29 -28.62 -9.89
CA SER A 666 6.00 -28.14 -8.69
C SER A 666 5.68 -26.71 -8.26
N ALA A 667 5.52 -25.79 -9.23
CA ALA A 667 5.18 -24.38 -8.97
C ALA A 667 3.70 -24.21 -8.52
N GLY A 668 2.92 -25.28 -8.61
CA GLY A 668 1.52 -25.30 -8.18
C GLY A 668 1.39 -25.63 -6.72
N ASN A 669 2.51 -26.07 -6.10
CA ASN A 669 2.61 -26.45 -4.68
C ASN A 669 2.85 -25.20 -3.90
N VAL A 670 1.76 -24.63 -3.40
CA VAL A 670 1.81 -23.33 -2.76
C VAL A 670 0.98 -23.38 -1.48
N GLY A 671 1.29 -22.49 -0.55
CA GLY A 671 0.57 -22.42 0.71
C GLY A 671 0.20 -21.01 1.11
N ILE A 672 -0.85 -20.89 1.91
CA ILE A 672 -1.32 -19.62 2.47
C ILE A 672 -1.50 -19.81 3.97
N ILE A 673 -1.30 -18.74 4.73
CA ILE A 673 -1.51 -18.73 6.17
C ILE A 673 -2.71 -17.84 6.40
N PHE A 674 -3.78 -18.38 7.00
CA PHE A 674 -4.95 -17.56 7.29
C PHE A 674 -4.87 -17.11 8.77
N LYS A 675 -5.00 -15.80 9.03
CA LYS A 675 -4.92 -15.24 10.40
C LYS A 675 -6.14 -14.42 10.72
N ASN A 676 -6.78 -14.72 11.83
CA ASN A 676 -7.96 -14.03 12.31
C ASN A 676 -7.77 -13.73 13.81
N GLY A 677 -7.69 -12.45 14.15
CA GLY A 677 -7.47 -12.01 15.51
C GLY A 677 -6.29 -11.07 15.62
N ASP A 678 -5.28 -11.27 14.76
CA ASP A 678 -4.11 -10.41 14.66
C ASP A 678 -4.38 -9.38 13.57
N ASP A 679 -3.64 -8.27 13.59
CA ASP A 679 -3.79 -7.19 12.64
C ASP A 679 -2.51 -7.20 11.81
N LEU A 680 -2.64 -7.44 10.47
CA LEU A 680 -1.51 -7.62 9.54
C LEU A 680 -1.09 -6.40 8.73
N ARG A 681 -1.73 -5.26 8.95
CA ARG A 681 -1.48 -4.02 8.20
C ARG A 681 -0.02 -3.54 8.26
N GLN A 682 0.59 -3.58 9.46
CA GLN A 682 1.96 -3.13 9.63
C GLN A 682 2.96 -4.11 8.95
N ASP A 683 2.64 -5.41 9.00
CA ASP A 683 3.42 -6.46 8.34
C ASP A 683 3.38 -6.21 6.85
N MET A 684 2.19 -5.94 6.29
CA MET A 684 2.11 -5.68 4.86
C MET A 684 2.95 -4.45 4.48
N LEU A 685 2.88 -3.38 5.27
CA LEU A 685 3.61 -2.16 4.99
C LEU A 685 5.11 -2.42 5.05
N THR A 686 5.57 -3.10 6.10
CA THR A 686 7.00 -3.40 6.22
C THR A 686 7.49 -4.23 5.03
N LEU A 687 6.74 -5.28 4.68
CA LEU A 687 7.10 -6.14 3.55
C LEU A 687 7.12 -5.41 2.21
N GLN A 688 6.18 -4.44 2.02
CA GLN A 688 6.14 -3.62 0.82
C GLN A 688 7.39 -2.71 0.77
N MET A 689 7.81 -2.18 1.94
CA MET A 689 9.04 -1.37 2.07
C MET A 689 10.29 -2.21 1.80
N ILE A 690 10.34 -3.44 2.27
CA ILE A 690 11.47 -4.36 2.00
C ILE A 690 11.53 -4.66 0.48
N GLN A 691 10.35 -4.89 -0.14
CA GLN A 691 10.27 -5.14 -1.58
C GLN A 691 10.77 -3.93 -2.37
N LEU A 692 10.40 -2.70 -1.92
CA LEU A 692 10.82 -1.48 -2.56
C LEU A 692 12.36 -1.42 -2.50
N MET A 693 12.95 -1.75 -1.32
CA MET A 693 14.42 -1.76 -1.14
C MET A 693 15.05 -2.70 -2.14
N ASP A 694 14.46 -3.88 -2.30
CA ASP A 694 14.90 -4.89 -3.25
C ASP A 694 14.91 -4.35 -4.71
N VAL A 695 13.83 -3.64 -5.10
CA VAL A 695 13.71 -3.02 -6.44
C VAL A 695 14.81 -1.96 -6.63
N LEU A 696 15.00 -1.05 -5.63
CA LEU A 696 16.01 0.04 -5.72
C LEU A 696 17.41 -0.53 -5.77
N TRP A 697 17.68 -1.62 -5.00
CA TRP A 697 18.98 -2.29 -5.04
C TRP A 697 19.18 -2.94 -6.41
N LYS A 698 18.18 -3.70 -6.89
CA LYS A 698 18.28 -4.33 -8.21
C LYS A 698 18.45 -3.35 -9.37
N GLN A 699 17.87 -2.14 -9.24
CA GLN A 699 18.03 -1.11 -10.26
C GLN A 699 19.48 -0.61 -10.32
N GLU A 700 20.31 -0.85 -9.26
CA GLU A 700 21.76 -0.52 -9.24
C GLU A 700 22.63 -1.77 -9.49
N GLY A 701 22.00 -2.84 -9.99
CA GLY A 701 22.66 -4.12 -10.26
C GLY A 701 22.99 -4.93 -9.02
N LEU A 702 22.34 -4.61 -7.89
CA LEU A 702 22.57 -5.30 -6.64
C LEU A 702 21.40 -6.21 -6.25
N ASP A 703 21.61 -7.53 -6.33
CA ASP A 703 20.62 -8.51 -5.94
C ASP A 703 20.98 -9.13 -4.55
N LEU A 704 20.30 -8.70 -3.48
CA LEU A 704 20.57 -9.19 -2.10
C LEU A 704 19.73 -10.40 -1.72
N ARG A 705 19.10 -11.03 -2.73
CA ARG A 705 18.42 -12.32 -2.57
C ARG A 705 17.40 -12.31 -1.43
N MET A 706 16.54 -11.28 -1.45
CA MET A 706 15.52 -11.02 -0.46
C MET A 706 14.31 -11.93 -0.60
N THR A 707 13.45 -12.03 0.46
CA THR A 707 12.25 -12.85 0.41
C THR A 707 11.07 -11.97 0.83
N PRO A 708 10.62 -11.04 -0.05
CA PRO A 708 9.49 -10.20 0.34
C PRO A 708 8.20 -10.96 0.01
N TYR A 709 7.86 -11.94 0.86
CA TYR A 709 6.64 -12.76 0.71
C TYR A 709 5.37 -11.90 0.87
N GLY A 710 4.29 -12.35 0.22
CA GLY A 710 2.97 -11.72 0.30
C GLY A 710 2.38 -11.69 1.70
N CYS A 711 1.70 -10.57 1.98
CA CYS A 711 0.96 -10.33 3.21
C CYS A 711 -0.18 -9.39 2.89
N LEU A 712 -1.42 -9.83 3.15
CA LEU A 712 -2.56 -8.99 2.80
C LEU A 712 -3.73 -9.05 3.77
N PRO A 713 -4.06 -7.92 4.46
CA PRO A 713 -5.30 -7.87 5.24
C PRO A 713 -6.48 -7.96 4.26
N THR A 714 -7.51 -8.71 4.64
CA THR A 714 -8.71 -8.93 3.80
C THR A 714 -9.98 -8.53 4.54
N GLY A 715 -9.91 -8.40 5.86
CA GLY A 715 -11.08 -8.08 6.67
C GLY A 715 -10.67 -7.56 8.01
N ASP A 716 -11.64 -7.49 8.95
CA ASP A 716 -11.43 -6.98 10.31
C ASP A 716 -10.51 -7.97 11.04
N ARG A 717 -9.25 -7.56 11.27
N ARG A 717 -9.25 -7.56 11.30
CA ARG A 717 -8.22 -8.37 11.93
CA ARG A 717 -8.21 -8.39 11.94
C ARG A 717 -8.12 -9.75 11.25
C ARG A 717 -8.12 -9.76 11.24
N THR A 718 -8.18 -9.73 9.90
CA THR A 718 -8.16 -10.91 9.04
C THR A 718 -7.28 -10.68 7.83
N GLY A 719 -6.50 -11.68 7.47
CA GLY A 719 -5.68 -11.60 6.28
C GLY A 719 -4.95 -12.88 6.00
N LEU A 720 -4.18 -12.85 4.91
CA LEU A 720 -3.38 -13.96 4.45
C LEU A 720 -1.93 -13.58 4.43
N ILE A 721 -1.07 -14.58 4.54
CA ILE A 721 0.39 -14.48 4.43
C ILE A 721 0.80 -15.63 3.49
N GLU A 722 1.73 -15.35 2.59
CA GLU A 722 2.25 -16.32 1.63
C GLU A 722 3.20 -17.28 2.34
N VAL A 723 2.98 -18.58 2.19
CA VAL A 723 3.90 -19.55 2.78
C VAL A 723 5.20 -19.59 1.92
N VAL A 724 6.36 -19.54 2.59
CA VAL A 724 7.62 -19.72 1.92
C VAL A 724 7.99 -21.19 2.26
N LEU A 725 7.96 -22.08 1.27
CA LEU A 725 8.28 -23.49 1.52
C LEU A 725 9.78 -23.68 1.57
N HIS A 726 10.22 -24.89 2.00
CA HIS A 726 11.64 -25.24 2.09
C HIS A 726 12.42 -24.23 2.98
N SER A 727 11.83 -23.86 4.10
CA SER A 727 12.41 -22.90 5.03
C SER A 727 12.11 -23.29 6.44
N ASP A 728 12.98 -22.91 7.36
CA ASP A 728 12.73 -23.19 8.78
C ASP A 728 13.22 -22.01 9.62
N THR A 729 12.75 -21.87 10.87
CA THR A 729 13.26 -20.78 11.72
C THR A 729 14.66 -21.16 12.19
N ILE A 730 15.47 -20.14 12.53
CA ILE A 730 16.79 -20.30 13.18
C ILE A 730 16.59 -21.11 14.46
N ALA A 731 15.52 -20.82 15.27
CA ALA A 731 15.25 -21.55 16.54
C ALA A 731 15.11 -23.05 16.30
N ASN A 732 14.30 -23.45 15.28
CA ASN A 732 14.11 -24.88 14.97
C ASN A 732 15.38 -25.56 14.57
N ILE A 733 16.16 -24.91 13.70
CA ILE A 733 17.47 -25.42 13.28
C ILE A 733 18.42 -25.52 14.47
N GLN A 734 18.47 -24.50 15.36
CA GLN A 734 19.38 -24.53 16.51
C GLN A 734 18.97 -25.44 17.66
N LEU A 735 17.74 -26.03 17.62
CA LEU A 735 17.30 -26.99 18.63
C LEU A 735 18.27 -28.16 18.64
N ASN A 736 19.05 -28.33 17.54
CA ASN A 736 20.09 -29.33 17.39
C ASN A 736 19.64 -30.71 17.89
N LYS A 737 18.52 -31.17 17.31
CA LYS A 737 17.91 -32.47 17.59
C LYS A 737 18.91 -33.56 17.18
N SER A 738 18.90 -34.67 17.89
CA SER A 738 19.80 -35.78 17.57
C SER A 738 19.19 -36.62 16.43
N ASN A 739 20.01 -37.50 15.81
CA ASN A 739 19.63 -38.42 14.71
C ASN A 739 19.16 -37.65 13.44
N MET A 740 19.73 -36.44 13.25
CA MET A 740 19.42 -35.57 12.11
C MET A 740 20.69 -35.35 11.28
N ALA A 741 20.52 -34.98 10.00
CA ALA A 741 21.65 -34.70 9.11
C ALA A 741 22.51 -33.49 9.57
N ALA A 742 21.92 -32.55 10.34
CA ALA A 742 22.61 -31.36 10.86
C ALA A 742 23.20 -31.48 12.34
N THR A 743 22.92 -32.59 13.09
CA THR A 743 23.41 -32.74 14.49
C THR A 743 24.90 -32.31 14.64
N ALA A 744 25.15 -31.40 15.63
CA ALA A 744 26.44 -30.75 15.82
C ALA A 744 27.12 -30.97 17.16
N ALA A 745 28.46 -30.90 17.13
CA ALA A 745 29.36 -31.05 18.26
C ALA A 745 29.34 -29.78 19.11
N PHE A 746 29.09 -28.63 18.46
CA PHE A 746 28.99 -27.29 19.01
C PHE A 746 27.74 -26.67 18.42
N ASN A 747 26.90 -26.01 19.25
CA ASN A 747 25.64 -25.40 18.76
C ASN A 747 25.89 -24.39 17.64
N LYS A 748 27.05 -23.69 17.65
CA LYS A 748 27.42 -22.71 16.61
C LYS A 748 27.54 -23.32 15.21
N ASP A 749 27.75 -24.65 15.12
CA ASP A 749 27.88 -25.39 13.86
C ASP A 749 26.52 -25.76 13.25
N ALA A 750 25.44 -25.73 14.06
CA ALA A 750 24.10 -26.17 13.64
C ALA A 750 23.61 -25.58 12.33
N LEU A 751 23.65 -24.23 12.19
CA LEU A 751 23.18 -23.55 10.99
C LEU A 751 23.97 -24.00 9.74
N LEU A 752 25.30 -23.99 9.82
CA LEU A 752 26.19 -24.40 8.72
C LEU A 752 26.00 -25.88 8.38
N ASN A 753 25.81 -26.75 9.40
CA ASN A 753 25.57 -28.19 9.14
C ASN A 753 24.25 -28.38 8.43
N TRP A 754 23.22 -27.57 8.79
CA TRP A 754 21.89 -27.63 8.16
C TRP A 754 22.01 -27.24 6.69
N LEU A 755 22.75 -26.16 6.39
CA LEU A 755 23.01 -25.69 5.03
C LEU A 755 23.75 -26.74 4.20
N LYS A 756 24.73 -27.41 4.81
CA LYS A 756 25.54 -28.47 4.23
C LYS A 756 24.69 -29.68 3.84
N SER A 757 23.76 -30.11 4.73
CA SER A 757 22.86 -31.21 4.46
C SER A 757 21.88 -30.87 3.33
N LYS A 758 21.54 -29.59 3.15
CA LYS A 758 20.60 -29.16 2.10
C LYS A 758 21.29 -28.89 0.78
N ASN A 759 22.59 -28.58 0.83
CA ASN A 759 23.38 -28.18 -0.32
C ASN A 759 24.68 -28.97 -0.38
N PRO A 760 24.63 -30.27 -0.73
CA PRO A 760 25.88 -31.07 -0.76
C PRO A 760 26.86 -30.75 -1.87
N GLY A 761 28.12 -31.07 -1.61
CA GLY A 761 29.23 -30.89 -2.53
C GLY A 761 29.52 -29.44 -2.86
N GLU A 762 29.52 -29.12 -4.15
CA GLU A 762 29.81 -27.78 -4.68
C GLU A 762 28.69 -26.77 -4.44
N ALA A 763 27.48 -27.24 -4.09
CA ALA A 763 26.33 -26.37 -3.84
C ALA A 763 26.47 -25.53 -2.54
N LEU A 764 27.34 -25.98 -1.57
CA LEU A 764 27.53 -25.26 -0.30
C LEU A 764 27.97 -23.81 -0.51
N ASP A 765 28.93 -23.60 -1.41
CA ASP A 765 29.50 -22.31 -1.78
C ASP A 765 28.45 -21.29 -2.16
N ARG A 766 27.50 -21.69 -3.00
CA ARG A 766 26.38 -20.89 -3.47
C ARG A 766 25.42 -20.57 -2.30
N ALA A 767 25.16 -21.55 -1.42
CA ALA A 767 24.26 -21.34 -0.28
C ALA A 767 24.80 -20.30 0.70
N ILE A 768 26.12 -20.38 1.03
CA ILE A 768 26.78 -19.44 1.93
C ILE A 768 26.72 -18.02 1.34
N GLU A 769 26.86 -17.91 0.01
CA GLU A 769 26.80 -16.63 -0.68
C GLU A 769 25.41 -16.03 -0.62
N GLU A 770 24.36 -16.85 -0.87
CA GLU A 770 22.93 -16.46 -0.75
C GLU A 770 22.65 -16.00 0.68
N PHE A 771 23.19 -16.70 1.68
CA PHE A 771 23.03 -16.34 3.09
C PHE A 771 23.62 -14.96 3.36
N THR A 772 24.83 -14.71 2.84
CA THR A 772 25.62 -13.49 3.04
C THR A 772 24.92 -12.27 2.44
N LEU A 773 24.45 -12.42 1.18
CA LEU A 773 23.73 -11.36 0.46
C LEU A 773 22.46 -10.99 1.19
N SER A 774 21.60 -11.97 1.52
CA SER A 774 20.31 -11.77 2.19
C SER A 774 20.51 -11.25 3.62
N CYS A 775 21.51 -11.80 4.33
CA CYS A 775 21.85 -11.29 5.64
C CYS A 775 22.23 -9.79 5.58
N ALA A 776 23.03 -9.35 4.56
CA ALA A 776 23.35 -7.94 4.40
C ALA A 776 22.07 -7.13 4.10
N GLY A 777 21.21 -7.63 3.21
CA GLY A 777 19.96 -6.94 2.93
C GLY A 777 19.06 -6.77 4.14
N TYR A 778 18.90 -7.84 4.96
CA TYR A 778 18.05 -7.81 6.15
C TYR A 778 18.67 -6.99 7.29
N CYS A 779 20.01 -7.06 7.49
CA CYS A 779 20.68 -6.20 8.50
C CYS A 779 20.37 -4.72 8.18
N VAL A 780 20.47 -4.33 6.90
CA VAL A 780 20.23 -2.94 6.47
C VAL A 780 18.73 -2.58 6.60
N ALA A 781 17.85 -3.44 6.07
CA ALA A 781 16.40 -3.23 6.10
C ALA A 781 15.87 -3.09 7.52
N THR A 782 16.26 -4.00 8.42
CA THR A 782 15.76 -3.97 9.81
C THR A 782 16.29 -2.76 10.58
N TYR A 783 17.52 -2.32 10.26
CA TYR A 783 18.13 -1.14 10.88
C TYR A 783 17.40 0.12 10.40
N VAL A 784 17.31 0.31 9.07
CA VAL A 784 16.65 1.48 8.49
C VAL A 784 15.20 1.58 9.01
N LEU A 785 14.47 0.46 9.03
CA LEU A 785 13.07 0.45 9.45
C LEU A 785 12.87 0.32 10.95
N GLY A 786 13.96 0.12 11.71
CA GLY A 786 13.92 -0.03 13.17
C GLY A 786 13.11 -1.22 13.66
N ILE A 787 13.21 -2.37 12.95
CA ILE A 787 12.48 -3.58 13.32
C ILE A 787 13.10 -4.12 14.60
N GLY A 788 12.29 -4.20 15.65
CA GLY A 788 12.75 -4.69 16.94
C GLY A 788 12.17 -6.03 17.25
N ASP A 789 12.46 -6.53 18.49
CA ASP A 789 11.99 -7.82 18.99
C ASP A 789 12.51 -8.96 18.08
N ARG A 790 13.80 -8.87 17.67
CA ARG A 790 14.41 -9.87 16.79
C ARG A 790 14.95 -11.01 17.63
N HIS A 791 14.49 -12.22 17.32
CA HIS A 791 14.91 -13.45 17.97
C HIS A 791 14.87 -14.64 16.98
N SER A 792 15.43 -15.77 17.39
CA SER A 792 15.59 -16.99 16.59
C SER A 792 14.30 -17.54 15.96
N ASP A 793 13.11 -17.25 16.52
CA ASP A 793 11.89 -17.76 15.91
C ASP A 793 11.24 -16.76 14.94
N ASN A 794 11.78 -15.53 14.78
CA ASN A 794 11.23 -14.62 13.78
C ASN A 794 12.26 -14.29 12.66
N ILE A 795 13.29 -15.14 12.59
CA ILE A 795 14.33 -15.15 11.56
C ILE A 795 14.29 -16.56 10.96
N MET A 796 14.22 -16.63 9.62
CA MET A 796 14.13 -17.87 8.89
C MET A 796 15.24 -18.05 7.86
N ILE A 797 15.49 -19.32 7.49
CA ILE A 797 16.47 -19.66 6.46
C ILE A 797 15.85 -20.63 5.49
N ARG A 798 15.97 -20.32 4.21
CA ARG A 798 15.52 -21.13 3.09
C ARG A 798 16.62 -22.15 2.79
N GLU A 799 16.24 -23.33 2.23
CA GLU A 799 17.21 -24.40 1.90
C GLU A 799 18.28 -23.95 0.88
N SER A 800 17.99 -22.86 0.15
CA SER A 800 18.87 -22.19 -0.80
C SER A 800 20.00 -21.42 -0.09
N GLY A 801 19.83 -21.18 1.22
CA GLY A 801 20.80 -20.39 2.00
C GLY A 801 20.27 -19.02 2.38
N GLN A 802 19.25 -18.53 1.67
CA GLN A 802 18.62 -17.24 1.93
C GLN A 802 18.02 -17.07 3.33
N LEU A 803 18.46 -16.03 4.04
CA LEU A 803 17.94 -15.64 5.34
C LEU A 803 16.85 -14.59 5.11
N PHE A 804 15.77 -14.64 5.90
CA PHE A 804 14.70 -13.63 5.80
C PHE A 804 14.05 -13.44 7.16
N HIS A 805 13.44 -12.28 7.39
CA HIS A 805 12.76 -11.97 8.65
C HIS A 805 11.27 -12.11 8.50
N ILE A 806 10.60 -12.40 9.61
CA ILE A 806 9.13 -12.46 9.70
C ILE A 806 8.67 -11.69 10.95
N ASP A 807 7.34 -11.46 11.05
CA ASP A 807 6.67 -10.84 12.20
C ASP A 807 7.09 -9.41 12.44
N PHE A 808 6.49 -8.50 11.66
CA PHE A 808 6.86 -7.09 11.72
C PHE A 808 5.85 -6.21 12.50
N GLY A 809 5.38 -6.77 13.61
CA GLY A 809 4.47 -6.09 14.52
C GLY A 809 5.04 -4.85 15.20
N HIS A 810 6.39 -4.73 15.26
CA HIS A 810 7.04 -3.55 15.86
C HIS A 810 8.12 -3.00 14.96
N PHE A 811 8.01 -1.70 14.66
CA PHE A 811 8.95 -0.99 13.77
C PHE A 811 9.14 0.46 14.22
N LEU A 812 10.01 1.19 13.51
CA LEU A 812 10.33 2.60 13.79
C LEU A 812 10.74 2.81 15.25
N GLY A 813 11.44 1.82 15.80
CA GLY A 813 11.96 1.85 17.15
C GLY A 813 11.10 1.22 18.23
N ASN A 814 9.75 1.19 18.01
CA ASN A 814 8.76 0.62 18.94
C ASN A 814 8.76 -0.91 18.95
N ARG A 823 9.25 3.51 22.67
CA ARG A 823 10.15 3.90 21.59
C ARG A 823 11.61 3.95 22.05
N GLU A 824 12.49 3.26 21.30
CA GLU A 824 13.94 3.21 21.54
C GLU A 824 14.68 3.16 20.20
N ARG A 825 15.79 3.90 20.08
CA ARG A 825 16.58 3.89 18.85
C ARG A 825 17.26 2.51 18.71
N VAL A 826 16.70 1.66 17.81
CA VAL A 826 17.18 0.30 17.52
C VAL A 826 18.62 0.37 16.92
N PRO A 827 19.61 -0.28 17.55
CA PRO A 827 20.96 -0.23 16.98
C PRO A 827 21.12 -1.25 15.85
N PHE A 828 22.17 -1.11 15.03
CA PHE A 828 22.45 -2.07 13.96
C PHE A 828 22.75 -3.42 14.67
N ILE A 829 22.18 -4.53 14.17
CA ILE A 829 22.36 -5.84 14.81
C ILE A 829 23.20 -6.79 13.93
N LEU A 830 24.28 -7.32 14.52
CA LEU A 830 25.16 -8.32 13.93
C LEU A 830 25.23 -9.51 14.91
N THR A 831 24.61 -10.65 14.54
CA THR A 831 24.56 -11.86 15.34
C THR A 831 25.75 -12.77 15.04
N TYR A 832 26.40 -13.32 16.09
CA TYR A 832 27.55 -14.22 15.94
C TYR A 832 27.26 -15.47 15.10
N ASP A 833 26.04 -16.04 15.23
CA ASP A 833 25.62 -17.23 14.48
C ASP A 833 25.66 -16.97 12.97
N PHE A 834 25.26 -15.76 12.58
CA PHE A 834 25.22 -15.33 11.19
C PHE A 834 26.65 -15.00 10.69
N VAL A 835 27.48 -14.33 11.55
CA VAL A 835 28.90 -14.00 11.29
C VAL A 835 29.67 -15.31 11.07
N HIS A 836 29.33 -16.35 11.87
CA HIS A 836 29.96 -17.66 11.78
C HIS A 836 29.75 -18.36 10.40
N VAL A 837 28.53 -18.31 9.81
CA VAL A 837 28.20 -18.88 8.48
C VAL A 837 28.88 -18.02 7.32
N ILE A 838 28.79 -16.68 7.42
CA ILE A 838 29.43 -15.74 6.47
C ILE A 838 30.95 -16.07 6.38
N GLN A 839 31.57 -16.37 7.54
CA GLN A 839 32.98 -16.70 7.62
C GLN A 839 33.29 -18.14 7.23
N GLN A 840 32.32 -18.88 6.64
CA GLN A 840 32.45 -20.27 6.18
C GLN A 840 32.80 -21.22 7.35
N GLY A 841 32.38 -20.86 8.57
CA GLY A 841 32.65 -21.65 9.76
C GLY A 841 33.97 -21.39 10.45
N LYS A 842 34.82 -20.54 9.86
CA LYS A 842 36.15 -20.22 10.40
C LYS A 842 36.04 -19.10 11.44
N THR A 843 36.96 -19.09 12.43
CA THR A 843 37.07 -18.09 13.50
C THR A 843 37.46 -16.72 12.92
N ASN A 844 38.46 -16.74 12.04
CA ASN A 844 39.00 -15.54 11.38
C ASN A 844 38.87 -15.68 9.87
N ASN A 845 38.07 -14.83 9.26
CA ASN A 845 37.88 -14.81 7.80
C ASN A 845 37.47 -13.41 7.41
N SER A 846 38.41 -12.48 7.51
CA SER A 846 38.18 -11.07 7.20
C SER A 846 37.88 -10.87 5.72
N GLU A 847 38.38 -11.76 4.84
CA GLU A 847 38.11 -11.66 3.41
C GLU A 847 36.60 -11.77 3.18
N LYS A 848 35.95 -12.83 3.71
CA LYS A 848 34.50 -13.02 3.58
C LYS A 848 33.73 -12.02 4.43
N PHE A 849 34.19 -11.77 5.67
CA PHE A 849 33.50 -10.84 6.57
C PHE A 849 33.41 -9.42 6.00
N GLU A 850 34.52 -8.90 5.50
CA GLU A 850 34.59 -7.56 4.93
C GLU A 850 33.85 -7.42 3.58
N ARG A 851 33.68 -8.54 2.80
CA ARG A 851 32.83 -8.49 1.59
C ARG A 851 31.40 -8.22 2.03
N PHE A 852 31.01 -8.87 3.12
CA PHE A 852 29.67 -8.74 3.73
C PHE A 852 29.45 -7.28 4.18
N ARG A 853 30.47 -6.67 4.81
CA ARG A 853 30.41 -5.27 5.21
C ARG A 853 30.21 -4.34 3.96
N GLY A 854 30.91 -4.65 2.86
CA GLY A 854 30.78 -3.93 1.59
C GLY A 854 29.34 -4.00 1.08
N TYR A 855 28.75 -5.20 1.09
CA TYR A 855 27.34 -5.40 0.72
C TYR A 855 26.40 -4.55 1.54
N CYS A 856 26.62 -4.46 2.87
CA CYS A 856 25.83 -3.65 3.81
C CYS A 856 25.94 -2.17 3.47
N GLU A 857 27.19 -1.70 3.30
CA GLU A 857 27.48 -0.31 2.96
C GLU A 857 26.86 0.10 1.61
N ARG A 858 27.04 -0.73 0.57
CA ARG A 858 26.45 -0.48 -0.74
C ARG A 858 24.89 -0.41 -0.66
N ALA A 859 24.25 -1.36 0.08
CA ALA A 859 22.79 -1.40 0.24
C ALA A 859 22.31 -0.14 0.92
N TYR A 860 23.00 0.26 2.00
CA TYR A 860 22.66 1.43 2.80
C TYR A 860 22.77 2.75 1.98
N THR A 861 23.86 2.91 1.20
CA THR A 861 24.06 4.12 0.40
C THR A 861 23.03 4.23 -0.72
N ILE A 862 22.60 3.09 -1.30
CA ILE A 862 21.52 3.10 -2.33
C ILE A 862 20.22 3.62 -1.69
N LEU A 863 19.83 3.09 -0.52
CA LEU A 863 18.60 3.50 0.17
C LEU A 863 18.58 4.98 0.48
N ARG A 864 19.72 5.53 0.96
CA ARG A 864 19.88 6.94 1.28
C ARG A 864 19.59 7.86 0.10
N ARG A 865 20.00 7.46 -1.12
CA ARG A 865 19.82 8.23 -2.35
C ARG A 865 18.35 8.35 -2.71
N HIS A 866 17.53 7.39 -2.24
CA HIS A 866 16.09 7.34 -2.40
C HIS A 866 15.41 7.64 -1.08
N GLY A 867 16.12 8.33 -0.18
CA GLY A 867 15.62 8.66 1.15
C GLY A 867 14.29 9.38 1.16
N LEU A 868 14.15 10.36 0.26
CA LEU A 868 12.94 11.17 0.13
C LEU A 868 11.75 10.35 -0.27
N LEU A 869 11.94 9.33 -1.15
CA LEU A 869 10.88 8.42 -1.57
C LEU A 869 10.31 7.69 -0.34
N PHE A 870 11.17 7.17 0.55
CA PHE A 870 10.74 6.51 1.78
C PHE A 870 10.03 7.50 2.68
N LEU A 871 10.57 8.72 2.81
CA LEU A 871 9.93 9.76 3.65
C LEU A 871 8.54 10.14 3.16
N HIS A 872 8.39 10.37 1.84
CA HIS A 872 7.11 10.74 1.22
C HIS A 872 6.05 9.67 1.41
N LEU A 873 6.43 8.39 1.23
CA LEU A 873 5.58 7.20 1.36
C LEU A 873 5.15 6.98 2.77
N PHE A 874 6.10 7.05 3.73
CA PHE A 874 5.78 6.93 5.15
C PHE A 874 4.88 8.09 5.64
N ALA A 875 5.04 9.30 5.04
CA ALA A 875 4.22 10.47 5.41
C ALA A 875 2.79 10.23 4.97
N LEU A 876 2.59 9.67 3.76
CA LEU A 876 1.25 9.32 3.28
C LEU A 876 0.59 8.23 4.12
N MET A 877 1.39 7.28 4.64
CA MET A 877 0.95 6.17 5.46
C MET A 877 0.41 6.59 6.83
N ARG A 878 0.70 7.82 7.27
CA ARG A 878 0.16 8.34 8.53
C ARG A 878 -1.38 8.31 8.53
N ALA A 879 -2.00 8.39 7.33
CA ALA A 879 -3.46 8.30 7.10
C ALA A 879 -4.03 6.92 7.47
N ALA A 880 -3.19 5.85 7.46
CA ALA A 880 -3.62 4.48 7.77
C ALA A 880 -4.05 4.31 9.22
N GLY A 881 -3.59 5.20 10.10
CA GLY A 881 -3.90 5.13 11.52
C GLY A 881 -3.24 3.95 12.23
N LEU A 882 -2.02 3.57 11.81
CA LEU A 882 -1.26 2.50 12.48
C LEU A 882 -0.72 3.11 13.80
N PRO A 883 -0.92 2.47 14.97
CA PRO A 883 -0.45 3.11 16.23
C PRO A 883 1.03 3.48 16.27
N GLU A 884 1.89 2.80 15.47
CA GLU A 884 3.34 3.07 15.43
C GLU A 884 3.74 4.02 14.30
N LEU A 885 2.76 4.60 13.61
CA LEU A 885 2.98 5.57 12.54
C LEU A 885 1.86 6.64 12.66
N SER A 886 1.93 7.44 13.73
CA SER A 886 0.94 8.46 14.13
C SER A 886 1.40 9.90 14.06
N CYS A 887 2.72 10.14 14.17
CA CYS A 887 3.25 11.50 14.23
C CYS A 887 4.60 11.69 13.55
N SER A 888 5.11 12.94 13.59
CA SER A 888 6.40 13.36 13.02
C SER A 888 7.59 12.66 13.67
N LYS A 889 7.48 12.29 14.97
CA LYS A 889 8.50 11.55 15.73
C LYS A 889 8.84 10.23 15.02
N ASP A 890 7.80 9.51 14.56
CA ASP A 890 7.91 8.24 13.82
C ASP A 890 8.65 8.45 12.49
N ILE A 891 8.41 9.58 11.80
CA ILE A 891 9.07 9.96 10.55
C ILE A 891 10.56 10.28 10.82
N GLN A 892 10.82 11.01 11.93
CA GLN A 892 12.17 11.40 12.39
C GLN A 892 13.06 10.16 12.50
N TYR A 893 12.46 9.03 12.92
CA TYR A 893 13.18 7.77 13.04
C TYR A 893 13.84 7.36 11.68
N LEU A 894 13.08 7.47 10.57
CA LEU A 894 13.56 7.17 9.23
C LEU A 894 14.59 8.20 8.79
N LYS A 895 14.36 9.48 9.16
CA LYS A 895 15.27 10.59 8.85
C LYS A 895 16.61 10.34 9.51
N ASP A 896 16.63 9.78 10.75
CA ASP A 896 17.88 9.50 11.47
C ASP A 896 18.55 8.24 10.97
N SER A 897 17.78 7.15 10.77
CA SER A 897 18.32 5.88 10.29
C SER A 897 18.96 6.03 8.89
N LEU A 898 18.40 6.89 8.05
CA LEU A 898 18.99 7.17 6.74
C LEU A 898 19.98 8.36 6.77
N ALA A 899 20.20 9.01 7.95
CA ALA A 899 21.11 10.16 8.11
C ALA A 899 20.97 11.15 6.93
N LEU A 900 19.71 11.52 6.64
CA LEU A 900 19.35 12.35 5.50
C LEU A 900 19.84 13.80 5.56
N GLY A 901 19.98 14.34 6.77
CA GLY A 901 20.49 15.70 6.93
C GLY A 901 21.99 15.83 6.72
N LYS A 902 22.69 14.71 6.41
CA LYS A 902 24.17 14.67 6.24
C LYS A 902 24.64 14.38 4.81
N THR A 903 25.94 14.59 4.56
CA THR A 903 26.57 14.26 3.27
C THR A 903 26.73 12.73 3.22
N GLU A 904 26.95 12.14 2.02
CA GLU A 904 27.15 10.70 1.86
C GLU A 904 28.37 10.21 2.68
N GLU A 905 29.46 10.99 2.71
CA GLU A 905 30.66 10.64 3.45
C GLU A 905 30.43 10.67 4.95
N GLU A 906 29.66 11.66 5.44
CA GLU A 906 29.32 11.76 6.87
C GLU A 906 28.34 10.65 7.29
N ALA A 907 27.40 10.30 6.40
CA ALA A 907 26.40 9.25 6.65
C ALA A 907 27.06 7.87 6.66
N LEU A 908 28.02 7.66 5.75
CA LEU A 908 28.75 6.39 5.66
C LEU A 908 29.67 6.21 6.88
N LYS A 909 30.28 7.31 7.36
CA LYS A 909 31.13 7.35 8.55
C LYS A 909 30.25 6.95 9.76
N HIS A 910 29.04 7.53 9.84
CA HIS A 910 28.06 7.27 10.88
C HIS A 910 27.62 5.79 10.85
N PHE A 911 27.29 5.24 9.64
CA PHE A 911 26.90 3.84 9.48
C PHE A 911 28.02 2.92 9.95
N ARG A 912 29.28 3.26 9.57
CA ARG A 912 30.49 2.51 9.95
C ARG A 912 30.67 2.40 11.46
N VAL A 913 30.45 3.53 12.20
CA VAL A 913 30.49 3.59 13.66
C VAL A 913 29.39 2.66 14.20
N LYS A 914 28.19 2.69 13.58
CA LYS A 914 27.04 1.85 13.99
C LYS A 914 27.27 0.35 13.74
N PHE A 915 27.86 0.01 12.57
CA PHE A 915 28.19 -1.36 12.18
C PHE A 915 29.32 -1.88 13.10
N ASN A 916 30.35 -1.04 13.40
CA ASN A 916 31.46 -1.38 14.29
C ASN A 916 31.00 -1.55 15.73
N GLU A 917 29.99 -0.75 16.16
CA GLU A 917 29.38 -0.84 17.49
C GLU A 917 28.62 -2.19 17.59
N ALA A 918 28.01 -2.64 16.47
CA ALA A 918 27.29 -3.91 16.36
C ALA A 918 28.25 -5.10 16.31
N LEU A 919 29.48 -4.88 15.81
CA LEU A 919 30.51 -5.91 15.72
C LEU A 919 31.11 -6.18 17.12
N ARG A 920 31.38 -5.10 17.90
CA ARG A 920 31.90 -5.17 19.27
C ARG A 920 30.88 -5.86 20.18
N GLU A 921 29.58 -5.63 19.90
CA GLU A 921 28.45 -6.24 20.60
C GLU A 921 28.40 -7.74 20.29
N SER A 922 28.59 -8.11 19.00
CA SER A 922 28.64 -9.49 18.49
C SER A 922 29.79 -10.30 19.13
N TRP A 923 30.96 -9.64 19.32
CA TRP A 923 32.17 -10.24 19.88
C TRP A 923 32.06 -10.64 21.36
N LYS A 924 31.08 -10.08 22.09
CA LYS A 924 30.80 -10.44 23.49
C LYS A 924 30.27 -11.87 23.54
N THR A 925 29.70 -12.35 22.41
CA THR A 925 29.22 -13.73 22.22
C THR A 925 30.40 -14.58 21.71
N LYS A 926 31.30 -13.99 20.87
CA LYS A 926 32.51 -14.63 20.33
C LYS A 926 33.54 -14.93 21.44
N VAL A 927 33.55 -14.13 22.52
CA VAL A 927 34.42 -14.29 23.71
C VAL A 927 34.13 -15.68 24.34
N ASN A 928 32.83 -16.07 24.37
CA ASN A 928 32.35 -17.35 24.91
C ASN A 928 32.54 -18.46 23.89
#